data_6U6G
#
_entry.id   6U6G
#
_entity_poly.entity_id   1
_entity_poly.type   'polypeptide(L)'
_entity_poly.pdbx_seq_one_letter_code
;AFIQLSKPCISDKECSIVKNYRARCRKGYCVRRRIR
;
_entity_poly.pdbx_strand_id   A
#
# COMPACT_ATOMS: atom_id res chain seq x y z
N ALA A 1 -0.34 0.75 -24.80
CA ALA A 1 -0.99 0.67 -23.46
C ALA A 1 -1.38 -0.78 -23.16
N PHE A 2 -1.31 -1.16 -21.89
CA PHE A 2 -1.67 -2.49 -21.45
C PHE A 2 -2.91 -2.42 -20.57
N ILE A 3 -4.07 -2.53 -21.20
CA ILE A 3 -5.35 -2.42 -20.49
C ILE A 3 -5.47 -3.55 -19.47
N GLN A 4 -5.41 -3.20 -18.20
CA GLN A 4 -5.37 -4.19 -17.13
C GLN A 4 -6.20 -3.71 -15.94
N LEU A 5 -6.71 -4.66 -15.16
CA LEU A 5 -7.46 -4.35 -13.95
C LEU A 5 -6.50 -4.28 -12.76
N SER A 6 -6.42 -3.10 -12.15
CA SER A 6 -5.53 -2.90 -11.01
C SER A 6 -5.93 -3.81 -9.85
N LYS A 7 -4.92 -4.32 -9.15
CA LYS A 7 -5.13 -5.25 -8.06
C LYS A 7 -4.52 -4.70 -6.77
N PRO A 8 -5.11 -5.04 -5.61
CA PRO A 8 -4.66 -4.55 -4.29
C PRO A 8 -3.25 -5.04 -3.92
N CYS A 9 -2.80 -4.65 -2.72
CA CYS A 9 -1.49 -5.05 -2.22
C CYS A 9 -1.64 -5.97 -0.99
N ILE A 10 -0.51 -6.39 -0.43
CA ILE A 10 -0.48 -7.25 0.76
C ILE A 10 -1.22 -6.60 1.93
N SER A 11 -1.53 -7.42 2.94
CA SER A 11 -2.29 -6.97 4.10
C SER A 11 -1.47 -6.02 4.99
N ASP A 12 -2.16 -5.25 5.82
CA ASP A 12 -1.53 -4.29 6.73
C ASP A 12 -0.50 -4.98 7.62
N LYS A 13 -0.80 -6.23 7.98
CA LYS A 13 0.11 -7.06 8.76
C LYS A 13 1.48 -7.14 8.09
N GLU A 14 1.46 -7.23 6.76
CA GLU A 14 2.67 -7.38 5.98
C GLU A 14 3.24 -6.02 5.60
N CYS A 15 2.35 -5.01 5.57
CA CYS A 15 2.74 -3.64 5.22
C CYS A 15 3.38 -2.92 6.42
N SER A 16 3.65 -3.66 7.49
CA SER A 16 4.26 -3.10 8.69
C SER A 16 5.75 -3.44 8.77
N ILE A 17 6.41 -2.93 9.81
CA ILE A 17 7.87 -3.02 9.93
C ILE A 17 8.34 -4.47 10.12
N VAL A 18 7.41 -5.41 10.18
CA VAL A 18 7.74 -6.83 10.21
C VAL A 18 8.62 -7.19 9.02
N LYS A 19 8.34 -6.56 7.88
CA LYS A 19 9.09 -6.77 6.65
C LYS A 19 10.10 -5.64 6.40
N ASN A 20 10.31 -4.82 7.43
CA ASN A 20 11.25 -3.67 7.38
C ASN A 20 10.63 -2.48 6.62
N TYR A 21 9.48 -2.69 6.00
CA TYR A 21 8.77 -1.64 5.26
C TYR A 21 7.74 -0.96 6.15
N ARG A 22 7.13 0.10 5.64
CA ARG A 22 6.13 0.87 6.38
C ARG A 22 5.17 1.58 5.42
N ALA A 23 4.00 0.96 5.21
CA ALA A 23 2.97 1.51 4.35
C ALA A 23 1.60 1.37 5.01
N ARG A 24 0.61 2.09 4.50
CA ARG A 24 -0.74 2.01 5.02
C ARG A 24 -1.61 1.21 4.06
N CYS A 25 -2.03 0.04 4.50
CA CYS A 25 -2.84 -0.86 3.67
C CYS A 25 -4.20 -1.07 4.31
N ARG A 26 -5.24 -0.66 3.59
CA ARG A 26 -6.61 -0.69 4.10
C ARG A 26 -7.55 -1.25 3.03
N LYS A 27 -8.17 -2.39 3.33
CA LYS A 27 -9.08 -3.06 2.39
C LYS A 27 -8.36 -3.36 1.09
N GLY A 28 -7.06 -3.63 1.19
CA GLY A 28 -6.27 -3.95 0.02
C GLY A 28 -5.63 -2.72 -0.61
N TYR A 29 -6.18 -1.54 -0.32
CA TYR A 29 -5.66 -0.31 -0.88
C TYR A 29 -4.31 0.01 -0.21
N CYS A 30 -3.30 0.25 -1.01
CA CYS A 30 -1.94 0.45 -0.51
C CYS A 30 -1.44 1.86 -0.80
N VAL A 31 -1.14 2.61 0.27
CA VAL A 31 -0.63 3.97 0.16
C VAL A 31 0.53 4.18 1.12
N ARG A 32 1.65 4.69 0.63
CA ARG A 32 2.79 5.02 1.47
C ARG A 32 2.60 6.43 2.00
N ARG A 33 2.34 6.55 3.29
CA ARG A 33 1.96 7.82 3.90
C ARG A 33 3.14 8.47 4.62
N ARG A 34 2.92 9.69 5.10
CA ARG A 34 3.87 10.39 5.97
C ARG A 34 3.21 10.64 7.32
N ILE A 35 4.01 10.78 8.37
CA ILE A 35 3.50 11.15 9.67
C ILE A 35 3.06 12.61 9.65
N ARG A 36 3.81 13.43 8.93
CA ARG A 36 3.53 14.84 8.79
C ARG A 36 3.34 15.19 7.31
N ALA A 1 -17.09 -10.83 -20.66
CA ALA A 1 -16.74 -12.07 -19.95
C ALA A 1 -15.22 -12.22 -19.86
N PHE A 2 -14.65 -11.59 -18.85
CA PHE A 2 -13.21 -11.62 -18.62
C PHE A 2 -12.92 -11.45 -17.14
N ILE A 3 -12.26 -12.43 -16.53
CA ILE A 3 -11.93 -12.39 -15.11
C ILE A 3 -11.07 -11.15 -14.81
N GLN A 4 -11.66 -10.19 -14.10
CA GLN A 4 -10.98 -8.96 -13.76
C GLN A 4 -9.91 -9.22 -12.70
N LEU A 5 -8.67 -9.33 -13.15
CA LEU A 5 -7.54 -9.50 -12.24
C LEU A 5 -7.29 -8.21 -11.47
N SER A 6 -7.86 -8.12 -10.28
CA SER A 6 -7.64 -6.97 -9.42
C SER A 6 -6.23 -7.04 -8.83
N LYS A 7 -5.63 -5.89 -8.59
CA LYS A 7 -4.28 -5.84 -8.06
C LYS A 7 -4.23 -4.96 -6.81
N PRO A 8 -4.12 -5.59 -5.62
CA PRO A 8 -3.93 -4.85 -4.38
C PRO A 8 -2.45 -4.54 -4.13
N CYS A 9 -2.16 -4.07 -2.93
CA CYS A 9 -0.80 -3.78 -2.50
C CYS A 9 -0.44 -4.75 -1.39
N ILE A 10 0.69 -4.53 -0.74
CA ILE A 10 1.03 -5.26 0.47
C ILE A 10 -0.14 -5.14 1.46
N SER A 11 -0.48 -6.23 2.13
CA SER A 11 -1.69 -6.29 2.95
C SER A 11 -1.53 -5.51 4.26
N ASP A 12 -2.67 -5.19 4.88
CA ASP A 12 -2.71 -4.42 6.13
C ASP A 12 -1.77 -5.02 7.18
N LYS A 13 -1.91 -6.33 7.35
CA LYS A 13 -1.17 -7.09 8.35
C LYS A 13 0.35 -7.05 8.09
N GLU A 14 0.71 -6.77 6.84
CA GLU A 14 2.10 -6.84 6.41
C GLU A 14 2.75 -5.45 6.41
N CYS A 15 1.95 -4.43 6.09
CA CYS A 15 2.48 -3.06 6.02
C CYS A 15 2.57 -2.45 7.42
N SER A 16 1.42 -2.33 8.09
CA SER A 16 1.35 -1.60 9.34
C SER A 16 1.81 -2.48 10.50
N ILE A 17 3.13 -2.56 10.66
CA ILE A 17 3.74 -3.19 11.82
C ILE A 17 4.39 -2.10 12.67
N VAL A 18 5.05 -1.18 11.99
CA VAL A 18 5.61 0.00 12.62
C VAL A 18 4.71 1.21 12.32
N LYS A 19 4.42 1.98 13.36
CA LYS A 19 3.56 3.16 13.24
C LYS A 19 4.40 4.43 13.25
N ASN A 20 5.52 4.39 12.53
CA ASN A 20 6.46 5.50 12.46
C ASN A 20 6.91 5.72 11.03
N TYR A 21 6.26 6.66 10.34
CA TYR A 21 6.63 7.06 8.98
C TYR A 21 6.68 5.85 8.05
N ARG A 22 5.53 5.42 7.56
CA ARG A 22 5.44 4.24 6.72
C ARG A 22 4.19 4.31 5.83
N ALA A 23 4.13 3.47 4.82
CA ALA A 23 2.97 3.37 3.95
C ALA A 23 1.79 2.75 4.70
N ARG A 24 0.66 3.43 4.72
CA ARG A 24 -0.52 2.93 5.43
C ARG A 24 -1.41 2.15 4.48
N CYS A 25 -1.33 0.83 4.55
CA CYS A 25 -2.13 -0.04 3.71
C CYS A 25 -3.46 -0.36 4.39
N ARG A 26 -4.55 -0.08 3.70
CA ARG A 26 -5.89 -0.37 4.20
C ARG A 26 -6.68 -1.17 3.17
N LYS A 27 -7.35 -2.22 3.65
CA LYS A 27 -8.23 -3.04 2.81
C LYS A 27 -7.44 -3.69 1.67
N GLY A 28 -6.18 -4.00 1.94
CA GLY A 28 -5.33 -4.64 0.96
C GLY A 28 -4.70 -3.67 -0.02
N TYR A 29 -5.07 -2.39 0.06
CA TYR A 29 -4.52 -1.37 -0.84
C TYR A 29 -3.58 -0.45 -0.06
N CYS A 30 -2.67 0.21 -0.77
CA CYS A 30 -1.62 0.99 -0.11
C CYS A 30 -1.88 2.49 -0.25
N VAL A 31 -1.85 3.19 0.89
CA VAL A 31 -2.04 4.64 0.94
C VAL A 31 -0.78 5.31 1.48
N ARG A 32 -0.40 6.44 0.88
CA ARG A 32 0.83 7.14 1.21
C ARG A 32 0.55 8.27 2.20
N ARG A 33 1.26 8.24 3.31
CA ARG A 33 1.17 9.27 4.34
C ARG A 33 1.89 10.54 3.92
N ARG A 34 1.22 11.68 4.01
CA ARG A 34 1.85 12.97 3.79
C ARG A 34 2.56 13.43 5.06
N ILE A 35 3.53 14.33 4.90
CA ILE A 35 4.31 14.83 6.03
C ILE A 35 3.62 16.04 6.65
N ARG A 36 3.05 16.90 5.81
CA ARG A 36 2.40 18.12 6.26
C ARG A 36 0.98 18.18 5.67
N ALA A 1 -11.51 -4.27 -25.98
CA ALA A 1 -12.12 -4.00 -24.66
C ALA A 1 -11.12 -3.29 -23.75
N PHE A 2 -11.47 -3.14 -22.47
CA PHE A 2 -10.59 -2.53 -21.50
C PHE A 2 -10.08 -3.59 -20.53
N ILE A 3 -9.13 -4.40 -20.99
CA ILE A 3 -8.57 -5.46 -20.18
C ILE A 3 -7.66 -4.86 -19.10
N GLN A 4 -8.29 -4.44 -18.01
CA GLN A 4 -7.60 -3.80 -16.90
C GLN A 4 -7.38 -4.77 -15.76
N LEU A 5 -6.15 -5.23 -15.60
CA LEU A 5 -5.78 -6.12 -14.50
C LEU A 5 -5.70 -5.31 -13.21
N SER A 6 -6.75 -5.38 -12.40
CA SER A 6 -6.78 -4.70 -11.11
C SER A 6 -5.60 -5.16 -10.25
N LYS A 7 -4.71 -4.23 -9.96
CA LYS A 7 -3.46 -4.54 -9.27
C LYS A 7 -3.43 -3.82 -7.91
N PRO A 8 -3.85 -4.53 -6.84
CA PRO A 8 -3.91 -3.98 -5.48
C PRO A 8 -2.57 -4.10 -4.76
N CYS A 9 -2.60 -3.91 -3.44
CA CYS A 9 -1.41 -4.01 -2.61
C CYS A 9 -1.59 -5.12 -1.56
N ILE A 10 -0.64 -5.23 -0.64
CA ILE A 10 -0.71 -6.20 0.43
C ILE A 10 -1.52 -5.64 1.60
N SER A 11 -2.12 -6.51 2.39
CA SER A 11 -2.99 -6.09 3.50
C SER A 11 -2.19 -5.43 4.63
N ASP A 12 -2.90 -4.63 5.44
CA ASP A 12 -2.33 -3.93 6.59
C ASP A 12 -1.53 -4.89 7.48
N LYS A 13 -1.99 -6.14 7.52
CA LYS A 13 -1.37 -7.19 8.33
C LYS A 13 0.14 -7.31 8.07
N GLU A 14 0.53 -7.08 6.82
CA GLU A 14 1.94 -7.22 6.44
C GLU A 14 2.58 -5.86 6.18
N CYS A 15 1.82 -4.96 5.57
CA CYS A 15 2.37 -3.64 5.21
C CYS A 15 2.41 -2.69 6.42
N SER A 16 2.36 -3.25 7.63
CA SER A 16 2.57 -2.47 8.84
C SER A 16 3.93 -1.78 8.77
N ILE A 17 3.92 -0.45 8.68
CA ILE A 17 5.13 0.32 8.38
C ILE A 17 6.17 0.27 9.50
N VAL A 18 6.98 -0.78 9.48
CA VAL A 18 8.14 -0.91 10.35
C VAL A 18 9.38 -1.14 9.49
N LYS A 19 9.22 -0.88 8.19
CA LYS A 19 10.28 -1.12 7.20
C LYS A 19 10.81 0.23 6.69
N ASN A 20 11.73 0.19 5.73
CA ASN A 20 12.28 1.41 5.13
C ASN A 20 11.36 1.99 4.06
N TYR A 21 10.05 1.94 4.34
CA TYR A 21 9.03 2.45 3.43
C TYR A 21 7.83 2.90 4.23
N ARG A 22 6.81 3.40 3.54
CA ARG A 22 5.65 3.95 4.22
C ARG A 22 4.40 3.92 3.34
N ALA A 23 3.53 2.97 3.62
CA ALA A 23 2.26 2.83 2.89
C ALA A 23 1.18 2.26 3.82
N ARG A 24 0.10 3.02 4.00
CA ARG A 24 -1.03 2.59 4.81
C ARG A 24 -2.07 1.93 3.92
N CYS A 25 -2.22 0.61 4.04
CA CYS A 25 -3.09 -0.16 3.16
C CYS A 25 -4.54 -0.14 3.64
N ARG A 26 -5.45 0.11 2.70
CA ARG A 26 -6.88 0.13 2.98
C ARG A 26 -7.65 -0.07 1.68
N LYS A 27 -8.78 -0.76 1.76
CA LYS A 27 -9.62 -1.07 0.60
C LYS A 27 -8.82 -1.86 -0.44
N GLY A 28 -7.91 -2.69 0.05
CA GLY A 28 -7.08 -3.50 -0.85
C GLY A 28 -5.93 -2.73 -1.45
N TYR A 29 -5.95 -1.41 -1.32
CA TYR A 29 -4.90 -0.55 -1.87
C TYR A 29 -3.92 -0.18 -0.78
N CYS A 30 -2.81 0.45 -1.16
CA CYS A 30 -1.83 0.94 -0.20
C CYS A 30 -1.52 2.41 -0.48
N VAL A 31 -1.81 3.27 0.48
CA VAL A 31 -1.53 4.69 0.34
C VAL A 31 -0.07 4.95 0.70
N ARG A 32 0.73 5.11 -0.32
CA ARG A 32 2.17 5.29 -0.16
C ARG A 32 2.53 6.77 -0.13
N ARG A 33 3.05 7.22 1.00
CA ARG A 33 3.37 8.63 1.21
C ARG A 33 4.72 8.98 0.59
N ARG A 34 4.70 9.47 -0.63
CA ARG A 34 5.91 9.94 -1.30
C ARG A 34 6.00 11.46 -1.18
N ILE A 35 7.04 11.94 -0.50
CA ILE A 35 7.25 13.37 -0.34
C ILE A 35 8.05 13.90 -1.54
N ARG A 36 7.44 13.79 -2.72
CA ARG A 36 8.01 14.28 -3.96
C ARG A 36 6.94 14.24 -5.05
N ALA A 1 -3.32 7.62 -13.47
CA ALA A 1 -2.86 6.37 -14.13
C ALA A 1 -3.68 6.09 -15.39
N PHE A 2 -3.22 5.12 -16.18
CA PHE A 2 -3.92 4.69 -17.39
C PHE A 2 -3.93 3.17 -17.47
N ILE A 3 -3.55 2.52 -16.37
CA ILE A 3 -3.45 1.07 -16.31
C ILE A 3 -4.86 0.44 -16.24
N GLN A 4 -5.07 -0.61 -17.02
CA GLN A 4 -6.35 -1.33 -17.04
C GLN A 4 -6.69 -1.85 -15.64
N LEU A 5 -5.87 -2.77 -15.16
CA LEU A 5 -6.07 -3.36 -13.84
C LEU A 5 -4.80 -4.07 -13.37
N SER A 6 -4.26 -3.61 -12.24
CA SER A 6 -3.17 -4.28 -11.55
C SER A 6 -3.71 -4.95 -10.29
N LYS A 7 -2.88 -5.75 -9.61
CA LYS A 7 -3.31 -6.37 -8.36
C LYS A 7 -3.25 -5.33 -7.23
N PRO A 8 -4.03 -5.55 -6.15
CA PRO A 8 -4.01 -4.69 -4.96
C PRO A 8 -2.66 -4.73 -4.25
N CYS A 9 -2.67 -4.43 -2.96
CA CYS A 9 -1.44 -4.38 -2.16
C CYS A 9 -1.45 -5.49 -1.12
N ILE A 10 -0.40 -5.51 -0.30
CA ILE A 10 -0.31 -6.43 0.82
C ILE A 10 -1.34 -6.08 1.89
N SER A 11 -1.54 -6.99 2.83
CA SER A 11 -2.54 -6.79 3.89
C SER A 11 -2.10 -5.73 4.88
N ASP A 12 -3.05 -5.19 5.62
CA ASP A 12 -2.80 -4.11 6.58
C ASP A 12 -1.80 -4.52 7.65
N LYS A 13 -1.91 -5.77 8.10
CA LYS A 13 -0.98 -6.33 9.08
C LYS A 13 0.42 -6.48 8.48
N GLU A 14 0.51 -6.41 7.16
CA GLU A 14 1.76 -6.66 6.44
C GLU A 14 2.46 -5.34 6.13
N CYS A 15 1.68 -4.31 5.78
CA CYS A 15 2.24 -3.00 5.46
C CYS A 15 2.71 -2.27 6.72
N SER A 16 2.21 -2.70 7.87
CA SER A 16 2.64 -2.15 9.15
C SER A 16 3.81 -2.97 9.70
N ILE A 17 5.03 -2.55 9.36
CA ILE A 17 6.23 -3.27 9.77
C ILE A 17 6.84 -2.66 11.04
N VAL A 18 7.51 -1.51 10.88
CA VAL A 18 8.18 -0.86 11.98
C VAL A 18 7.27 0.14 12.67
N LYS A 19 7.43 0.27 13.98
CA LYS A 19 6.60 1.15 14.78
C LYS A 19 7.10 2.58 14.70
N ASN A 20 6.50 3.33 13.78
CA ASN A 20 6.81 4.75 13.59
C ASN A 20 5.81 5.33 12.61
N TYR A 21 6.02 5.05 11.32
CA TYR A 21 5.09 5.43 10.27
C TYR A 21 5.24 4.46 9.11
N ARG A 22 4.12 4.06 8.55
CA ARG A 22 4.09 3.04 7.52
C ARG A 22 2.84 3.20 6.68
N ALA A 23 2.81 2.51 5.54
CA ALA A 23 1.68 2.60 4.61
C ALA A 23 0.41 2.07 5.25
N ARG A 24 -0.67 2.82 5.14
CA ARG A 24 -1.94 2.44 5.74
C ARG A 24 -2.81 1.75 4.70
N CYS A 25 -3.12 0.48 4.97
CA CYS A 25 -3.85 -0.34 4.01
C CYS A 25 -5.31 -0.50 4.41
N ARG A 26 -6.19 -0.52 3.40
CA ARG A 26 -7.62 -0.62 3.59
C ARG A 26 -8.26 -1.30 2.38
N LYS A 27 -9.06 -2.34 2.63
CA LYS A 27 -9.73 -3.12 1.57
C LYS A 27 -8.71 -3.68 0.58
N GLY A 28 -7.52 -4.01 1.07
CA GLY A 28 -6.48 -4.57 0.23
C GLY A 28 -5.65 -3.52 -0.50
N TYR A 29 -6.11 -2.27 -0.47
CA TYR A 29 -5.38 -1.17 -1.10
C TYR A 29 -4.41 -0.54 -0.10
N CYS A 30 -3.21 -0.17 -0.54
CA CYS A 30 -2.23 0.43 0.35
C CYS A 30 -2.08 1.93 0.07
N VAL A 31 -2.13 2.71 1.14
CA VAL A 31 -1.90 4.16 1.04
C VAL A 31 -0.51 4.47 1.57
N ARG A 32 0.38 4.85 0.65
CA ARG A 32 1.77 5.15 0.97
C ARG A 32 2.18 6.46 0.32
N ARG A 33 2.57 7.44 1.14
CA ARG A 33 3.03 8.73 0.64
C ARG A 33 4.47 8.98 1.09
N ARG A 34 5.42 8.66 0.22
CA ARG A 34 6.83 8.89 0.50
C ARG A 34 7.21 10.32 0.10
N ILE A 35 7.33 11.19 1.09
CA ILE A 35 7.75 12.55 0.89
C ILE A 35 8.96 12.86 1.78
N ARG A 36 10.13 12.43 1.32
CA ARG A 36 11.38 12.60 2.04
C ARG A 36 12.52 12.82 1.04
N ALA A 1 -6.50 -0.16 -25.46
CA ALA A 1 -5.45 -0.60 -24.52
C ALA A 1 -5.18 0.46 -23.47
N PHE A 2 -4.99 0.02 -22.23
CA PHE A 2 -4.68 0.91 -21.12
C PHE A 2 -3.40 0.44 -20.46
N ILE A 3 -2.38 1.29 -20.45
CA ILE A 3 -1.06 0.89 -19.97
C ILE A 3 -0.91 1.18 -18.48
N GLN A 4 -2.00 1.01 -17.75
CA GLN A 4 -2.01 1.23 -16.31
C GLN A 4 -2.33 -0.08 -15.58
N LEU A 5 -1.41 -1.02 -15.69
CA LEU A 5 -1.51 -2.27 -14.94
C LEU A 5 -1.07 -2.01 -13.50
N SER A 6 -1.96 -1.38 -12.74
CA SER A 6 -1.65 -0.98 -11.37
C SER A 6 -1.67 -2.17 -10.44
N LYS A 7 -0.71 -2.20 -9.53
CA LYS A 7 -0.59 -3.26 -8.55
C LYS A 7 -0.44 -2.66 -7.15
N PRO A 8 -1.48 -2.82 -6.30
CA PRO A 8 -1.46 -2.33 -4.91
C PRO A 8 -0.50 -3.17 -4.05
N CYS A 9 -0.81 -3.25 -2.75
CA CYS A 9 0.04 -3.97 -1.80
C CYS A 9 -0.78 -5.00 -1.03
N ILE A 10 -0.11 -5.80 -0.21
CA ILE A 10 -0.77 -6.79 0.63
C ILE A 10 -1.60 -6.07 1.71
N SER A 11 -2.47 -6.80 2.40
CA SER A 11 -3.37 -6.21 3.39
C SER A 11 -2.63 -5.42 4.47
N ASP A 12 -3.38 -4.55 5.15
CA ASP A 12 -2.84 -3.65 6.16
C ASP A 12 -2.12 -4.43 7.26
N LYS A 13 -2.61 -5.63 7.57
CA LYS A 13 -1.97 -6.49 8.57
C LYS A 13 -0.50 -6.73 8.20
N GLU A 14 -0.24 -6.85 6.90
CA GLU A 14 1.10 -7.10 6.40
C GLU A 14 1.87 -5.78 6.34
N CYS A 15 1.19 -4.74 5.85
CA CYS A 15 1.80 -3.41 5.74
C CYS A 15 2.03 -2.78 7.11
N SER A 16 1.40 -3.34 8.14
CA SER A 16 1.55 -2.86 9.50
C SER A 16 2.97 -3.14 9.99
N ILE A 17 3.88 -2.21 9.67
CA ILE A 17 5.29 -2.33 10.02
C ILE A 17 5.73 -1.20 10.94
N VAL A 18 7.04 -1.08 11.14
CA VAL A 18 7.60 -0.01 11.95
C VAL A 18 7.26 1.37 11.36
N LYS A 19 7.22 2.37 12.23
CA LYS A 19 6.81 3.72 11.82
C LYS A 19 7.95 4.42 11.08
N ASN A 20 9.09 3.74 11.05
CA ASN A 20 10.30 4.25 10.40
C ASN A 20 10.10 4.31 8.89
N TYR A 21 9.20 3.47 8.38
CA TYR A 21 8.76 3.56 6.99
C TYR A 21 7.29 3.93 6.95
N ARG A 22 6.90 4.70 5.95
CA ARG A 22 5.52 5.17 5.85
C ARG A 22 4.81 4.59 4.64
N ALA A 23 3.90 3.69 4.93
CA ALA A 23 3.06 3.05 3.93
C ALA A 23 1.76 2.61 4.59
N ARG A 24 0.66 3.24 4.21
CA ARG A 24 -0.63 2.98 4.83
C ARG A 24 -1.54 2.23 3.87
N CYS A 25 -1.65 0.92 4.09
CA CYS A 25 -2.49 0.07 3.26
C CYS A 25 -3.86 -0.10 3.90
N ARG A 26 -4.88 -0.20 3.06
CA ARG A 26 -6.24 -0.42 3.51
C ARG A 26 -7.14 -0.70 2.31
N LYS A 27 -8.11 -1.59 2.50
CA LYS A 27 -9.11 -1.91 1.48
C LYS A 27 -8.45 -2.44 0.20
N GLY A 28 -7.33 -3.14 0.38
CA GLY A 28 -6.62 -3.73 -0.75
C GLY A 28 -5.63 -2.77 -1.41
N TYR A 29 -5.74 -1.48 -1.11
CA TYR A 29 -4.85 -0.47 -1.70
C TYR A 29 -3.79 -0.05 -0.70
N CYS A 30 -2.79 0.69 -1.17
CA CYS A 30 -1.68 1.09 -0.31
C CYS A 30 -1.15 2.48 -0.69
N VAL A 31 -1.18 3.39 0.27
CA VAL A 31 -0.54 4.69 0.11
C VAL A 31 0.89 4.61 0.60
N ARG A 32 1.82 4.61 -0.34
CA ARG A 32 3.24 4.42 -0.04
C ARG A 32 4.02 5.71 -0.31
N ARG A 33 4.58 6.26 0.76
CA ARG A 33 5.38 7.49 0.66
C ARG A 33 6.82 7.15 0.25
N ARG A 34 7.19 7.58 -0.95
CA ARG A 34 8.54 7.31 -1.45
C ARG A 34 9.47 8.48 -1.15
N ILE A 35 10.51 8.20 -0.38
CA ILE A 35 11.56 9.18 -0.12
C ILE A 35 12.44 9.32 -1.38
N ARG A 36 12.42 8.28 -2.20
CA ARG A 36 13.13 8.25 -3.47
C ARG A 36 12.29 7.50 -4.51
N ALA A 1 -11.95 8.08 -15.51
CA ALA A 1 -11.21 6.99 -14.82
C ALA A 1 -9.84 6.79 -15.45
N PHE A 2 -9.10 5.79 -14.97
CA PHE A 2 -7.76 5.51 -15.49
C PHE A 2 -7.74 4.08 -15.99
N ILE A 3 -7.50 3.91 -17.29
CA ILE A 3 -7.57 2.59 -17.91
C ILE A 3 -6.24 1.86 -17.80
N GLN A 4 -5.53 2.13 -16.72
CA GLN A 4 -4.22 1.56 -16.46
C GLN A 4 -4.33 0.48 -15.39
N LEU A 5 -3.93 -0.73 -15.72
CA LEU A 5 -3.99 -1.84 -14.78
C LEU A 5 -2.94 -1.68 -13.68
N SER A 6 -3.36 -1.13 -12.55
CA SER A 6 -2.50 -1.02 -11.38
C SER A 6 -2.65 -2.28 -10.51
N LYS A 7 -1.53 -2.78 -10.01
CA LYS A 7 -1.54 -3.95 -9.14
C LYS A 7 -1.88 -3.56 -7.71
N PRO A 8 -2.72 -4.35 -7.02
CA PRO A 8 -3.18 -4.04 -5.65
C PRO A 8 -2.07 -4.19 -4.61
N CYS A 9 -2.44 -3.97 -3.35
CA CYS A 9 -1.50 -4.03 -2.24
C CYS A 9 -1.86 -5.20 -1.32
N ILE A 10 -0.93 -5.57 -0.45
CA ILE A 10 -1.08 -6.72 0.43
C ILE A 10 -1.75 -6.32 1.76
N SER A 11 -2.18 -7.31 2.55
CA SER A 11 -2.87 -7.06 3.81
C SER A 11 -2.03 -6.21 4.79
N ASP A 12 -2.72 -5.59 5.76
CA ASP A 12 -2.11 -4.62 6.68
C ASP A 12 -0.94 -5.23 7.45
N LYS A 13 -1.09 -6.46 7.91
CA LYS A 13 -0.04 -7.15 8.68
C LYS A 13 1.23 -7.31 7.83
N GLU A 14 1.06 -7.28 6.51
CA GLU A 14 2.19 -7.40 5.60
C GLU A 14 2.65 -6.01 5.16
N CYS A 15 1.75 -5.04 5.23
CA CYS A 15 2.07 -3.65 4.94
C CYS A 15 2.86 -3.02 6.09
N SER A 16 3.02 -3.77 7.18
CA SER A 16 3.74 -3.29 8.34
C SER A 16 5.24 -3.23 8.04
N ILE A 17 5.66 -2.15 7.40
CA ILE A 17 7.07 -1.94 7.08
C ILE A 17 7.56 -0.65 7.73
N VAL A 18 8.59 -0.77 8.57
CA VAL A 18 9.14 0.38 9.28
C VAL A 18 10.15 1.11 8.41
N LYS A 19 9.76 2.29 7.94
CA LYS A 19 10.62 3.12 7.09
C LYS A 19 10.49 4.59 7.51
N ASN A 20 11.09 5.49 6.72
CA ASN A 20 10.98 6.92 6.97
C ASN A 20 9.55 7.41 6.70
N TYR A 21 8.77 6.54 6.05
CA TYR A 21 7.34 6.74 5.84
C TYR A 21 6.59 5.54 6.38
N ARG A 22 5.26 5.62 6.37
CA ARG A 22 4.40 4.48 6.74
C ARG A 22 3.13 4.49 5.91
N ALA A 23 2.56 3.31 5.69
CA ALA A 23 1.43 3.15 4.78
C ALA A 23 0.20 2.61 5.51
N ARG A 24 -0.95 2.82 4.90
CA ARG A 24 -2.22 2.25 5.35
C ARG A 24 -2.88 1.52 4.19
N CYS A 25 -3.22 0.25 4.39
CA CYS A 25 -3.76 -0.58 3.32
C CYS A 25 -5.21 -0.99 3.60
N ARG A 26 -6.05 -0.87 2.57
CA ARG A 26 -7.45 -1.26 2.64
C ARG A 26 -7.98 -1.55 1.23
N LYS A 27 -8.83 -2.57 1.11
CA LYS A 27 -9.42 -2.97 -0.18
C LYS A 27 -8.35 -3.17 -1.26
N GLY A 28 -7.17 -3.62 -0.85
CA GLY A 28 -6.09 -3.87 -1.79
C GLY A 28 -5.43 -2.59 -2.29
N TYR A 29 -5.58 -1.50 -1.56
CA TYR A 29 -4.90 -0.25 -1.86
C TYR A 29 -4.06 0.20 -0.67
N CYS A 30 -2.79 0.49 -0.90
CA CYS A 30 -1.89 0.98 0.14
C CYS A 30 -1.49 2.41 -0.14
N VAL A 31 -1.84 3.31 0.77
CA VAL A 31 -1.53 4.73 0.63
C VAL A 31 -0.46 5.15 1.64
N ARG A 32 0.59 5.78 1.15
CA ARG A 32 1.65 6.32 1.99
C ARG A 32 1.51 7.84 2.07
N ARG A 33 1.11 8.34 3.23
CA ARG A 33 0.92 9.77 3.40
C ARG A 33 2.29 10.46 3.53
N ARG A 34 2.48 11.52 2.76
CA ARG A 34 3.73 12.27 2.79
C ARG A 34 3.91 12.96 4.15
N ILE A 35 4.61 12.27 5.06
CA ILE A 35 4.98 12.86 6.34
C ILE A 35 5.87 14.08 6.09
N ARG A 36 6.70 13.96 5.07
CA ARG A 36 7.53 15.06 4.58
C ARG A 36 7.90 14.77 3.13
N ALA A 1 -11.39 0.11 -23.59
CA ALA A 1 -10.59 1.15 -24.28
C ALA A 1 -9.11 0.80 -24.23
N PHE A 2 -8.59 0.56 -23.03
CA PHE A 2 -7.19 0.18 -22.85
C PHE A 2 -7.05 -0.78 -21.68
N ILE A 3 -6.25 -1.82 -21.86
CA ILE A 3 -6.14 -2.90 -20.88
C ILE A 3 -5.06 -2.60 -19.83
N GLN A 4 -5.01 -1.35 -19.37
CA GLN A 4 -4.09 -0.98 -18.30
C GLN A 4 -4.67 -1.44 -16.96
N LEU A 5 -4.54 -2.73 -16.69
CA LEU A 5 -5.08 -3.35 -15.49
C LEU A 5 -4.00 -3.51 -14.42
N SER A 6 -4.37 -3.25 -13.17
CA SER A 6 -3.48 -3.46 -12.04
C SER A 6 -4.20 -4.27 -10.97
N LYS A 7 -3.45 -4.83 -10.03
CA LYS A 7 -4.01 -5.69 -9.00
C LYS A 7 -3.80 -5.07 -7.61
N PRO A 8 -4.73 -5.35 -6.67
CA PRO A 8 -4.62 -4.87 -5.28
C PRO A 8 -3.36 -5.39 -4.57
N CYS A 9 -3.13 -4.90 -3.36
CA CYS A 9 -1.96 -5.30 -2.58
C CYS A 9 -2.36 -5.87 -1.22
N ILE A 10 -1.38 -6.25 -0.42
CA ILE A 10 -1.61 -6.94 0.85
C ILE A 10 -1.95 -5.93 1.96
N SER A 11 -2.54 -6.43 3.05
CA SER A 11 -3.05 -5.60 4.14
C SER A 11 -1.93 -4.85 4.90
N ASP A 12 -2.35 -3.85 5.67
CA ASP A 12 -1.45 -3.02 6.46
C ASP A 12 -0.68 -3.87 7.48
N LYS A 13 -1.34 -4.91 7.98
CA LYS A 13 -0.73 -5.82 8.94
C LYS A 13 0.52 -6.49 8.36
N GLU A 14 0.61 -6.52 7.03
CA GLU A 14 1.71 -7.17 6.36
C GLU A 14 2.72 -6.15 5.84
N CYS A 15 2.22 -5.09 5.20
CA CYS A 15 3.08 -4.06 4.63
C CYS A 15 3.76 -3.23 5.72
N SER A 16 3.10 -3.07 6.86
CA SER A 16 3.65 -2.29 7.97
C SER A 16 3.53 -3.06 9.29
N ILE A 17 4.66 -3.38 9.89
CA ILE A 17 4.70 -4.02 11.20
C ILE A 17 6.06 -3.74 11.88
N VAL A 18 6.01 -3.04 13.02
CA VAL A 18 7.17 -2.72 13.83
C VAL A 18 8.41 -2.33 13.02
N LYS A 19 8.16 -1.76 11.85
CA LYS A 19 9.23 -1.33 10.93
C LYS A 19 9.32 0.19 10.91
N ASN A 20 10.43 0.73 10.41
CA ASN A 20 10.61 2.18 10.37
C ASN A 20 9.89 2.79 9.17
N TYR A 21 9.74 1.99 8.11
CA TYR A 21 9.00 2.41 6.93
C TYR A 21 7.50 2.36 7.21
N ARG A 22 6.74 3.17 6.50
CA ARG A 22 5.34 3.39 6.83
C ARG A 22 4.46 3.34 5.59
N ALA A 23 3.56 2.37 5.54
CA ALA A 23 2.59 2.23 4.46
C ALA A 23 1.22 1.88 5.03
N ARG A 24 0.19 2.61 4.64
CA ARG A 24 -1.16 2.30 5.06
C ARG A 24 -1.90 1.59 3.92
N CYS A 25 -2.00 0.28 4.04
CA CYS A 25 -2.67 -0.55 3.05
C CYS A 25 -4.12 -0.76 3.48
N ARG A 26 -5.06 -0.34 2.64
CA ARG A 26 -6.48 -0.39 2.97
C ARG A 26 -7.33 -0.38 1.71
N LYS A 27 -8.46 -1.10 1.75
CA LYS A 27 -9.43 -1.13 0.66
C LYS A 27 -8.80 -1.65 -0.63
N GLY A 28 -7.84 -2.56 -0.48
CA GLY A 28 -7.18 -3.15 -1.62
C GLY A 28 -6.02 -2.31 -2.13
N TYR A 29 -5.94 -1.07 -1.66
CA TYR A 29 -4.90 -0.15 -2.09
C TYR A 29 -3.81 -0.05 -1.03
N CYS A 30 -2.72 0.63 -1.36
CA CYS A 30 -1.62 0.85 -0.42
C CYS A 30 -1.00 2.23 -0.64
N VAL A 31 -1.08 3.07 0.38
CA VAL A 31 -0.47 4.39 0.33
C VAL A 31 0.75 4.46 1.24
N ARG A 32 1.91 4.63 0.64
CA ARG A 32 3.16 4.71 1.38
C ARG A 32 3.77 6.10 1.25
N ARG A 33 3.90 6.79 2.37
CA ARG A 33 4.33 8.17 2.36
C ARG A 33 5.86 8.25 2.32
N ARG A 34 6.40 8.42 1.13
CA ARG A 34 7.85 8.51 0.95
C ARG A 34 8.28 9.96 1.12
N ILE A 35 8.77 10.29 2.31
CA ILE A 35 9.12 11.67 2.67
C ILE A 35 10.13 12.27 1.68
N ARG A 36 11.25 11.60 1.50
CA ARG A 36 12.30 12.06 0.58
C ARG A 36 12.57 10.99 -0.47
N ALA A 1 -2.28 2.54 -26.17
CA ALA A 1 -2.69 2.92 -24.79
C ALA A 1 -1.62 2.50 -23.79
N PHE A 2 -1.55 3.22 -22.67
CA PHE A 2 -0.58 2.93 -21.62
C PHE A 2 -1.29 2.26 -20.47
N ILE A 3 -1.61 0.98 -20.65
CA ILE A 3 -2.40 0.26 -19.68
C ILE A 3 -1.50 -0.40 -18.64
N GLN A 4 -1.12 0.38 -17.63
CA GLN A 4 -0.40 -0.14 -16.48
C GLN A 4 -1.31 -0.11 -15.25
N LEU A 5 -2.15 -1.14 -15.12
CA LEU A 5 -3.12 -1.21 -14.03
C LEU A 5 -2.41 -1.41 -12.69
N SER A 6 -2.58 -0.45 -11.78
CA SER A 6 -2.04 -0.56 -10.44
C SER A 6 -2.81 -1.63 -9.67
N LYS A 7 -2.09 -2.45 -8.90
CA LYS A 7 -2.70 -3.55 -8.18
C LYS A 7 -2.77 -3.26 -6.67
N PRO A 8 -3.73 -3.88 -5.96
CA PRO A 8 -3.79 -3.82 -4.50
C PRO A 8 -2.61 -4.57 -3.87
N CYS A 9 -2.46 -4.43 -2.55
CA CYS A 9 -1.37 -5.10 -1.84
C CYS A 9 -1.91 -6.16 -0.88
N ILE A 10 -0.98 -6.80 -0.16
CA ILE A 10 -1.34 -7.75 0.89
C ILE A 10 -1.91 -6.97 2.08
N SER A 11 -2.40 -7.67 3.10
CA SER A 11 -3.00 -7.02 4.26
C SER A 11 -2.05 -6.00 4.90
N ASP A 12 -2.62 -5.02 5.60
CA ASP A 12 -1.86 -3.92 6.19
C ASP A 12 -0.79 -4.45 7.16
N LYS A 13 -1.12 -5.57 7.79
CA LYS A 13 -0.21 -6.22 8.74
C LYS A 13 1.09 -6.65 8.05
N GLU A 14 0.99 -6.93 6.75
CA GLU A 14 2.15 -7.35 5.96
C GLU A 14 2.69 -6.19 5.12
N CYS A 15 1.85 -5.18 4.88
CA CYS A 15 2.24 -4.02 4.09
C CYS A 15 3.43 -3.27 4.68
N SER A 16 3.78 -3.59 5.92
CA SER A 16 4.96 -3.00 6.56
C SER A 16 6.23 -3.50 5.86
N ILE A 17 6.56 -2.87 4.74
CA ILE A 17 7.74 -3.24 3.98
C ILE A 17 8.89 -2.28 4.29
N VAL A 18 8.61 -0.99 4.12
CA VAL A 18 9.60 0.06 4.38
C VAL A 18 10.02 0.04 5.85
N LYS A 19 11.31 0.17 6.10
CA LYS A 19 11.86 0.11 7.47
C LYS A 19 11.46 1.32 8.29
N ASN A 20 10.76 2.25 7.66
CA ASN A 20 10.24 3.44 8.33
C ASN A 20 8.78 3.24 8.72
N TYR A 21 8.27 2.03 8.44
CA TYR A 21 6.90 1.63 8.76
C TYR A 21 5.86 2.61 8.21
N ARG A 22 6.25 3.43 7.24
CA ARG A 22 5.35 4.43 6.69
C ARG A 22 4.63 3.90 5.45
N ALA A 23 3.53 3.20 5.71
CA ALA A 23 2.66 2.67 4.67
C ALA A 23 1.33 2.27 5.27
N ARG A 24 0.27 2.29 4.47
CA ARG A 24 -1.03 1.81 4.94
C ARG A 24 -1.83 1.19 3.81
N CYS A 25 -2.38 0.01 4.07
CA CYS A 25 -3.27 -0.66 3.13
C CYS A 25 -4.66 -0.84 3.75
N ARG A 26 -5.67 -0.53 2.95
CA ARG A 26 -7.05 -0.66 3.38
C ARG A 26 -7.93 -0.99 2.17
N LYS A 27 -8.84 -1.95 2.34
CA LYS A 27 -9.67 -2.44 1.24
C LYS A 27 -8.79 -2.82 0.05
N GLY A 28 -7.59 -3.30 0.36
CA GLY A 28 -6.63 -3.68 -0.65
C GLY A 28 -5.80 -2.51 -1.15
N TYR A 29 -6.35 -1.30 -1.08
CA TYR A 29 -5.69 -0.12 -1.60
C TYR A 29 -4.46 0.22 -0.76
N CYS A 30 -3.44 0.75 -1.40
CA CYS A 30 -2.15 0.98 -0.75
C CYS A 30 -1.74 2.45 -0.84
N VAL A 31 -1.21 2.97 0.27
CA VAL A 31 -0.67 4.33 0.30
C VAL A 31 0.73 4.32 0.90
N ARG A 32 1.69 4.94 0.20
CA ARG A 32 3.08 4.97 0.63
C ARG A 32 3.61 6.41 0.59
N ARG A 33 4.28 6.81 1.66
CA ARG A 33 4.87 8.14 1.75
C ARG A 33 6.39 8.02 1.91
N ARG A 34 7.14 8.32 0.85
CA ARG A 34 8.60 8.26 0.92
C ARG A 34 9.15 9.54 1.54
N ILE A 35 9.19 9.57 2.87
CA ILE A 35 9.72 10.69 3.61
C ILE A 35 11.26 10.73 3.54
N ARG A 36 11.80 10.30 2.41
CA ARG A 36 13.25 10.18 2.22
C ARG A 36 13.58 10.30 0.73
N ALA A 1 -0.65 2.54 -27.35
CA ALA A 1 -0.89 3.21 -26.05
C ALA A 1 -0.08 2.55 -24.96
N PHE A 2 0.49 3.36 -24.06
CA PHE A 2 1.29 2.87 -22.95
C PHE A 2 0.39 2.67 -21.75
N ILE A 3 -0.51 1.70 -21.87
CA ILE A 3 -1.53 1.48 -20.86
C ILE A 3 -0.90 0.97 -19.56
N GLN A 4 -1.25 1.63 -18.46
CA GLN A 4 -0.75 1.25 -17.13
C GLN A 4 -1.91 1.04 -16.17
N LEU A 5 -2.21 -0.21 -15.87
CA LEU A 5 -3.24 -0.55 -14.90
C LEU A 5 -2.60 -0.74 -13.53
N SER A 6 -3.27 -0.28 -12.47
CA SER A 6 -2.75 -0.40 -11.12
C SER A 6 -2.99 -1.81 -10.58
N LYS A 7 -1.95 -2.40 -10.01
CA LYS A 7 -2.02 -3.75 -9.46
C LYS A 7 -2.20 -3.68 -7.95
N PRO A 8 -2.98 -4.62 -7.37
CA PRO A 8 -3.21 -4.67 -5.92
C PRO A 8 -1.93 -5.02 -5.16
N CYS A 9 -1.97 -4.81 -3.84
CA CYS A 9 -0.81 -5.05 -2.99
C CYS A 9 -1.25 -5.60 -1.63
N ILE A 10 -0.28 -5.80 -0.73
CA ILE A 10 -0.53 -6.43 0.57
C ILE A 10 -1.21 -5.44 1.53
N SER A 11 -1.85 -5.97 2.59
CA SER A 11 -2.66 -5.16 3.50
C SER A 11 -1.85 -4.56 4.67
N ASP A 12 -2.55 -3.78 5.50
CA ASP A 12 -1.94 -3.06 6.64
C ASP A 12 -1.11 -4.02 7.48
N LYS A 13 -1.66 -5.20 7.72
CA LYS A 13 -1.06 -6.21 8.58
C LYS A 13 0.40 -6.46 8.22
N GLU A 14 0.73 -6.35 6.94
CA GLU A 14 2.07 -6.69 6.46
C GLU A 14 2.78 -5.48 5.89
N CYS A 15 2.05 -4.38 5.72
CA CYS A 15 2.66 -3.10 5.37
C CYS A 15 3.24 -2.41 6.62
N SER A 16 2.89 -2.93 7.80
CA SER A 16 3.41 -2.41 9.05
C SER A 16 4.92 -2.68 9.17
N ILE A 17 5.73 -1.80 8.59
CA ILE A 17 7.19 -1.92 8.60
C ILE A 17 7.81 -0.69 9.27
N VAL A 18 8.94 -0.89 9.95
CA VAL A 18 9.63 0.20 10.64
C VAL A 18 10.01 1.33 9.67
N LYS A 19 10.27 0.97 8.42
CA LYS A 19 10.67 1.94 7.41
C LYS A 19 9.46 2.72 6.88
N ASN A 20 8.29 2.35 7.35
CA ASN A 20 7.04 3.00 6.96
C ASN A 20 6.50 3.78 8.15
N TYR A 21 7.03 4.99 8.32
CA TYR A 21 6.64 5.85 9.44
C TYR A 21 5.14 6.12 9.43
N ARG A 22 4.55 6.15 8.24
CA ARG A 22 3.12 6.34 8.11
C ARG A 22 2.66 5.75 6.77
N ALA A 23 1.98 4.61 6.83
CA ALA A 23 1.46 3.93 5.64
C ALA A 23 0.26 3.08 6.00
N ARG A 24 -0.67 2.94 5.06
CA ARG A 24 -1.87 2.13 5.24
C ARG A 24 -2.25 1.46 3.91
N CYS A 25 -2.34 0.14 3.93
CA CYS A 25 -2.67 -0.64 2.73
C CYS A 25 -3.96 -1.41 2.97
N ARG A 26 -4.98 -1.16 2.16
CA ARG A 26 -6.31 -1.67 2.43
C ARG A 26 -7.06 -1.97 1.14
N LYS A 27 -7.78 -3.10 1.13
CA LYS A 27 -8.60 -3.51 -0.02
C LYS A 27 -7.78 -3.57 -1.31
N GLY A 28 -6.51 -3.93 -1.18
CA GLY A 28 -5.65 -4.10 -2.34
C GLY A 28 -4.87 -2.84 -2.68
N TYR A 29 -5.28 -1.71 -2.14
CA TYR A 29 -4.61 -0.44 -2.40
C TYR A 29 -3.56 -0.17 -1.31
N CYS A 30 -2.51 0.56 -1.66
CA CYS A 30 -1.47 0.94 -0.70
C CYS A 30 -1.27 2.46 -0.69
N VAL A 31 -1.42 3.05 0.49
CA VAL A 31 -1.22 4.48 0.68
C VAL A 31 0.05 4.70 1.52
N ARG A 32 1.03 5.36 0.93
CA ARG A 32 2.28 5.67 1.62
C ARG A 32 2.68 7.11 1.31
N ARG A 33 3.30 7.78 2.27
CA ARG A 33 3.74 9.16 2.07
C ARG A 33 4.88 9.20 1.06
N ARG A 34 4.53 9.32 -0.21
CA ARG A 34 5.51 9.39 -1.28
C ARG A 34 6.28 10.71 -1.22
N ILE A 35 7.39 10.71 -0.50
CA ILE A 35 8.23 11.90 -0.35
C ILE A 35 8.85 12.30 -1.70
N ARG A 36 9.35 11.30 -2.42
CA ARG A 36 9.96 11.53 -3.73
C ARG A 36 9.21 10.73 -4.80
N ALA A 1 -19.61 -7.47 -23.29
CA ALA A 1 -19.19 -6.79 -22.05
C ALA A 1 -17.71 -6.47 -22.10
N PHE A 2 -17.25 -5.61 -21.19
CA PHE A 2 -15.84 -5.23 -21.12
C PHE A 2 -15.27 -5.61 -19.76
N ILE A 3 -14.65 -6.78 -19.69
CA ILE A 3 -14.10 -7.27 -18.44
C ILE A 3 -12.77 -6.57 -18.14
N GLN A 4 -12.70 -5.92 -16.98
CA GLN A 4 -11.51 -5.19 -16.56
C GLN A 4 -11.13 -5.55 -15.13
N LEU A 5 -9.92 -6.06 -14.96
CA LEU A 5 -9.41 -6.43 -13.64
C LEU A 5 -8.23 -5.51 -13.28
N SER A 6 -8.07 -5.25 -11.98
CA SER A 6 -6.99 -4.39 -11.48
C SER A 6 -6.04 -5.20 -10.59
N LYS A 7 -4.96 -4.56 -10.16
CA LYS A 7 -3.96 -5.20 -9.29
C LYS A 7 -4.04 -4.63 -7.87
N PRO A 8 -4.69 -5.37 -6.94
CA PRO A 8 -4.81 -4.95 -5.55
C PRO A 8 -3.59 -5.39 -4.72
N CYS A 9 -3.66 -5.14 -3.41
CA CYS A 9 -2.56 -5.47 -2.50
C CYS A 9 -3.09 -5.92 -1.15
N ILE A 10 -2.17 -6.15 -0.21
CA ILE A 10 -2.51 -6.70 1.11
C ILE A 10 -2.92 -5.61 2.10
N SER A 11 -3.24 -6.04 3.32
CA SER A 11 -3.71 -5.15 4.39
C SER A 11 -2.55 -4.73 5.29
N ASP A 12 -2.86 -3.89 6.28
CA ASP A 12 -1.89 -3.40 7.26
C ASP A 12 -1.11 -4.56 7.89
N LYS A 13 -1.74 -5.71 7.98
CA LYS A 13 -1.15 -6.88 8.65
C LYS A 13 0.10 -7.40 7.93
N GLU A 14 0.39 -6.86 6.75
CA GLU A 14 1.64 -7.17 6.03
C GLU A 14 2.29 -5.87 5.60
N CYS A 15 1.47 -4.85 5.36
CA CYS A 15 1.92 -3.52 5.00
C CYS A 15 2.70 -2.87 6.15
N SER A 16 2.07 -2.87 7.33
CA SER A 16 2.68 -2.27 8.51
C SER A 16 3.37 -3.36 9.35
N ILE A 17 4.60 -3.67 8.95
CA ILE A 17 5.45 -4.61 9.69
C ILE A 17 6.84 -4.01 9.89
N VAL A 18 7.27 -3.24 8.91
CA VAL A 18 8.56 -2.55 8.97
C VAL A 18 8.38 -1.15 9.55
N LYS A 19 9.34 -0.75 10.39
CA LYS A 19 9.35 0.59 10.96
C LYS A 19 10.28 1.50 10.16
N ASN A 20 10.70 1.02 8.99
CA ASN A 20 11.58 1.77 8.10
C ASN A 20 10.83 2.93 7.45
N TYR A 21 9.57 2.70 7.11
CA TYR A 21 8.73 3.70 6.46
C TYR A 21 7.28 3.55 6.90
N ARG A 22 6.43 4.45 6.42
CA ARG A 22 5.02 4.48 6.79
C ARG A 22 4.15 4.05 5.62
N ALA A 23 3.67 2.80 5.68
CA ALA A 23 2.83 2.23 4.63
C ALA A 23 1.39 2.11 5.12
N ARG A 24 0.46 2.73 4.40
CA ARG A 24 -0.96 2.65 4.73
C ARG A 24 -1.67 1.82 3.65
N CYS A 25 -1.98 0.57 3.97
CA CYS A 25 -2.65 -0.33 3.03
C CYS A 25 -3.98 -0.81 3.62
N ARG A 26 -5.08 -0.49 2.94
CA ARG A 26 -6.40 -0.78 3.48
C ARG A 26 -7.36 -1.20 2.35
N LYS A 27 -8.22 -2.17 2.63
CA LYS A 27 -9.22 -2.67 1.68
C LYS A 27 -8.60 -3.09 0.34
N GLY A 28 -7.38 -3.61 0.41
CA GLY A 28 -6.70 -4.11 -0.78
C GLY A 28 -6.15 -3.01 -1.66
N TYR A 29 -6.08 -1.79 -1.12
CA TYR A 29 -5.49 -0.66 -1.81
C TYR A 29 -4.40 -0.08 -0.93
N CYS A 30 -3.21 0.09 -1.49
CA CYS A 30 -2.02 0.43 -0.71
C CYS A 30 -1.39 1.76 -1.14
N VAL A 31 -1.07 2.59 -0.15
CA VAL A 31 -0.33 3.83 -0.38
C VAL A 31 0.80 3.96 0.66
N ARG A 32 2.03 4.01 0.18
CA ARG A 32 3.20 4.14 1.05
C ARG A 32 3.68 5.60 1.04
N ARG A 33 3.66 6.23 2.22
CA ARG A 33 4.11 7.61 2.35
C ARG A 33 5.61 7.64 2.59
N ARG A 34 6.28 8.59 1.96
CA ARG A 34 7.74 8.66 2.01
C ARG A 34 8.23 9.43 3.24
N ILE A 35 9.48 9.18 3.59
CA ILE A 35 10.18 9.93 4.63
C ILE A 35 11.43 10.54 4.00
N ARG A 36 12.13 9.70 3.22
CA ARG A 36 13.21 10.16 2.35
C ARG A 36 12.95 9.64 0.94
N ALA A 1 -5.57 -1.44 -24.79
CA ALA A 1 -6.41 -0.69 -23.81
C ALA A 1 -5.53 -0.04 -22.76
N PHE A 2 -6.03 1.02 -22.14
CA PHE A 2 -5.29 1.75 -21.12
C PHE A 2 -5.54 1.11 -19.75
N ILE A 3 -5.26 -0.18 -19.68
CA ILE A 3 -5.58 -0.97 -18.49
C ILE A 3 -4.76 -0.50 -17.28
N GLN A 4 -5.20 -0.92 -16.09
CA GLN A 4 -4.57 -0.50 -14.84
C GLN A 4 -3.17 -1.07 -14.69
N LEU A 5 -2.17 -0.22 -14.93
CA LEU A 5 -0.77 -0.59 -14.72
C LEU A 5 -0.31 -0.21 -13.32
N SER A 6 -1.08 0.66 -12.66
CA SER A 6 -0.78 1.07 -11.30
C SER A 6 -1.25 0.00 -10.32
N LYS A 7 -0.36 -0.41 -9.43
CA LYS A 7 -0.61 -1.56 -8.56
C LYS A 7 -0.67 -1.15 -7.09
N PRO A 8 -1.44 -1.89 -6.28
CA PRO A 8 -1.46 -1.71 -4.82
C PRO A 8 -0.26 -2.42 -4.17
N CYS A 9 -0.35 -2.72 -2.89
CA CYS A 9 0.72 -3.40 -2.16
C CYS A 9 0.15 -4.50 -1.27
N ILE A 10 1.03 -5.10 -0.47
CA ILE A 10 0.63 -6.13 0.50
C ILE A 10 -0.46 -5.62 1.43
N SER A 11 -1.23 -6.54 2.00
CA SER A 11 -2.42 -6.20 2.77
C SER A 11 -2.09 -5.57 4.13
N ASP A 12 -3.14 -5.13 4.83
CA ASP A 12 -3.04 -4.45 6.13
C ASP A 12 -2.16 -5.26 7.08
N LYS A 13 -2.46 -6.54 7.21
CA LYS A 13 -1.76 -7.44 8.12
C LYS A 13 -0.27 -7.54 7.78
N GLU A 14 0.06 -7.27 6.52
CA GLU A 14 1.42 -7.45 6.02
C GLU A 14 2.20 -6.13 6.11
N CYS A 15 1.50 -5.01 6.01
CA CYS A 15 2.12 -3.70 6.13
C CYS A 15 2.28 -3.32 7.61
N SER A 16 3.31 -3.86 8.23
CA SER A 16 3.63 -3.56 9.63
C SER A 16 4.67 -2.45 9.72
N ILE A 17 4.81 -1.86 10.90
CA ILE A 17 5.73 -0.74 11.12
C ILE A 17 7.18 -1.20 11.23
N VAL A 18 7.40 -2.51 11.08
CA VAL A 18 8.75 -3.10 11.18
C VAL A 18 9.76 -2.32 10.33
N LYS A 19 9.29 -1.80 9.20
CA LYS A 19 10.12 -0.96 8.34
C LYS A 19 9.26 0.08 7.62
N ASN A 20 7.98 0.13 8.00
CA ASN A 20 7.02 1.02 7.34
C ASN A 20 6.41 1.97 8.37
N TYR A 21 7.19 2.95 8.78
CA TYR A 21 6.72 3.97 9.72
C TYR A 21 5.76 4.92 9.00
N ARG A 22 6.13 5.29 7.78
CA ARG A 22 5.29 6.13 6.92
C ARG A 22 4.69 5.28 5.81
N ALA A 23 3.58 4.63 6.12
CA ALA A 23 2.87 3.79 5.16
C ALA A 23 1.46 3.50 5.65
N ARG A 24 0.48 3.68 4.76
CA ARG A 24 -0.91 3.38 5.08
C ARG A 24 -1.47 2.40 4.07
N CYS A 25 -1.53 1.12 4.46
CA CYS A 25 -2.13 0.08 3.65
C CYS A 25 -3.48 -0.31 4.23
N ARG A 26 -4.55 -0.07 3.50
CA ARG A 26 -5.88 -0.51 3.91
C ARG A 26 -6.62 -1.07 2.70
N LYS A 27 -7.19 -2.26 2.89
CA LYS A 27 -7.90 -2.96 1.81
C LYS A 27 -6.95 -3.20 0.63
N GLY A 28 -5.68 -3.39 0.94
CA GLY A 28 -4.68 -3.63 -0.08
C GLY A 28 -4.16 -2.35 -0.71
N TYR A 29 -4.87 -1.24 -0.50
CA TYR A 29 -4.46 0.04 -1.08
C TYR A 29 -3.38 0.68 -0.22
N CYS A 30 -2.28 1.06 -0.85
CA CYS A 30 -1.09 1.51 -0.14
C CYS A 30 -0.71 2.93 -0.52
N VAL A 31 -0.51 3.77 0.50
CA VAL A 31 -0.03 5.14 0.31
C VAL A 31 1.16 5.40 1.24
N ARG A 32 2.31 5.77 0.66
CA ARG A 32 3.49 6.11 1.44
C ARG A 32 3.50 7.61 1.72
N ARG A 33 3.28 7.98 2.97
CA ARG A 33 3.18 9.39 3.33
C ARG A 33 4.56 9.99 3.54
N ARG A 34 5.17 10.45 2.45
CA ARG A 34 6.43 11.17 2.53
C ARG A 34 6.18 12.67 2.39
N ILE A 35 7.19 13.48 2.67
CA ILE A 35 7.05 14.93 2.71
C ILE A 35 6.65 15.49 1.34
N ARG A 36 7.13 14.86 0.27
CA ARG A 36 6.82 15.30 -1.10
C ARG A 36 6.48 14.10 -1.97
N ALA A 1 -7.04 14.25 -7.71
CA ALA A 1 -6.93 13.67 -9.07
C ALA A 1 -6.68 12.17 -9.01
N PHE A 2 -6.67 11.52 -10.17
CA PHE A 2 -6.48 10.08 -10.25
C PHE A 2 -5.32 9.78 -11.18
N ILE A 3 -4.11 9.93 -10.66
CA ILE A 3 -2.91 9.69 -11.44
C ILE A 3 -2.20 8.44 -10.93
N GLN A 4 -1.26 7.94 -11.74
CA GLN A 4 -0.45 6.78 -11.37
C GLN A 4 -1.32 5.58 -10.99
N LEU A 5 -2.28 5.27 -11.86
CA LEU A 5 -3.20 4.15 -11.62
C LEU A 5 -2.42 2.83 -11.60
N SER A 6 -2.20 2.30 -10.40
CA SER A 6 -1.46 1.07 -10.21
C SER A 6 -2.40 -0.07 -9.81
N LYS A 7 -1.96 -1.31 -9.97
CA LYS A 7 -2.73 -2.49 -9.59
C LYS A 7 -2.78 -2.63 -8.07
N PRO A 8 -3.80 -3.33 -7.54
CA PRO A 8 -3.97 -3.56 -6.09
C PRO A 8 -2.71 -4.08 -5.40
N CYS A 9 -2.72 -4.04 -4.08
CA CYS A 9 -1.56 -4.36 -3.26
C CYS A 9 -2.02 -5.08 -1.98
N ILE A 10 -1.06 -5.44 -1.12
CA ILE A 10 -1.39 -6.21 0.09
C ILE A 10 -2.01 -5.31 1.16
N SER A 11 -2.47 -5.92 2.24
CA SER A 11 -3.15 -5.20 3.32
C SER A 11 -2.15 -4.76 4.40
N ASP A 12 -2.60 -3.89 5.32
CA ASP A 12 -1.72 -3.21 6.27
C ASP A 12 -0.85 -4.18 7.06
N LYS A 13 -1.48 -5.20 7.65
CA LYS A 13 -0.76 -6.21 8.42
C LYS A 13 0.34 -6.85 7.58
N GLU A 14 0.11 -6.93 6.28
CA GLU A 14 1.04 -7.60 5.38
C GLU A 14 2.14 -6.62 4.93
N CYS A 15 1.78 -5.34 4.82
CA CYS A 15 2.72 -4.28 4.47
C CYS A 15 3.71 -4.06 5.60
N SER A 16 3.29 -4.37 6.82
CA SER A 16 4.14 -4.22 8.00
C SER A 16 5.08 -5.42 8.12
N ILE A 17 6.30 -5.27 7.62
CA ILE A 17 7.30 -6.34 7.68
C ILE A 17 8.71 -5.75 7.78
N VAL A 18 9.42 -6.16 8.85
CA VAL A 18 10.77 -5.71 9.19
C VAL A 18 11.07 -4.23 8.93
N LYS A 19 11.07 -3.82 7.68
CA LYS A 19 11.27 -2.40 7.32
C LYS A 19 9.93 -1.68 7.40
N ASN A 20 9.62 -1.15 8.59
CA ASN A 20 8.34 -0.52 8.84
C ASN A 20 8.36 0.92 8.35
N TYR A 21 8.26 1.08 7.04
CA TYR A 21 8.15 2.39 6.42
C TYR A 21 6.84 3.04 6.84
N ARG A 22 6.76 4.34 6.64
CA ARG A 22 5.58 5.11 7.02
C ARG A 22 4.50 4.98 5.94
N ALA A 23 3.66 3.96 6.09
CA ALA A 23 2.63 3.65 5.09
C ALA A 23 1.33 3.24 5.75
N ARG A 24 0.32 3.04 4.92
CA ARG A 24 -0.95 2.46 5.35
C ARG A 24 -1.57 1.71 4.17
N CYS A 25 -2.15 0.55 4.45
CA CYS A 25 -2.77 -0.24 3.41
C CYS A 25 -4.19 -0.65 3.82
N ARG A 26 -5.13 -0.51 2.89
CA ARG A 26 -6.53 -0.85 3.17
C ARG A 26 -7.28 -1.06 1.85
N LYS A 27 -8.21 -2.02 1.84
CA LYS A 27 -9.02 -2.33 0.66
C LYS A 27 -8.13 -2.70 -0.54
N GLY A 28 -6.99 -3.32 -0.23
CA GLY A 28 -6.06 -3.71 -1.27
C GLY A 28 -5.32 -2.55 -1.90
N TYR A 29 -5.27 -1.42 -1.18
CA TYR A 29 -4.50 -0.27 -1.63
C TYR A 29 -3.37 0.01 -0.65
N CYS A 30 -2.15 0.13 -1.18
CA CYS A 30 -0.98 0.49 -0.37
C CYS A 30 -0.56 1.93 -0.68
N VAL A 31 -0.61 2.79 0.33
CA VAL A 31 -0.25 4.19 0.16
C VAL A 31 0.88 4.58 1.10
N ARG A 32 1.85 5.33 0.57
CA ARG A 32 2.95 5.86 1.36
C ARG A 32 2.52 7.15 2.04
N ARG A 33 2.43 7.12 3.36
CA ARG A 33 2.02 8.29 4.12
C ARG A 33 3.20 9.26 4.29
N ARG A 34 3.67 9.78 3.16
CA ARG A 34 4.80 10.71 3.15
C ARG A 34 4.31 12.14 3.23
N ILE A 35 4.06 12.60 4.45
CA ILE A 35 3.73 14.00 4.69
C ILE A 35 5.03 14.77 4.96
N ARG A 36 5.89 14.16 5.77
CA ARG A 36 7.21 14.71 6.06
C ARG A 36 8.24 13.60 5.86
N ALA A 1 -8.18 -1.47 -28.31
CA ALA A 1 -8.08 -1.14 -26.88
C ALA A 1 -8.19 -2.41 -26.02
N PHE A 2 -7.71 -2.30 -24.79
CA PHE A 2 -7.77 -3.39 -23.82
C PHE A 2 -7.80 -2.79 -22.42
N ILE A 3 -8.98 -2.80 -21.81
CA ILE A 3 -9.17 -2.17 -20.51
C ILE A 3 -8.91 -3.17 -19.38
N GLN A 4 -7.96 -2.84 -18.53
CA GLN A 4 -7.66 -3.62 -17.34
C GLN A 4 -7.69 -2.73 -16.11
N LEU A 5 -8.21 -3.27 -15.01
CA LEU A 5 -8.37 -2.50 -13.78
C LEU A 5 -7.13 -2.61 -12.89
N SER A 6 -7.12 -1.87 -11.79
CA SER A 6 -6.03 -1.90 -10.83
C SER A 6 -6.24 -3.07 -9.85
N LYS A 7 -5.15 -3.64 -9.36
CA LYS A 7 -5.23 -4.80 -8.48
C LYS A 7 -5.02 -4.38 -7.02
N PRO A 8 -5.68 -5.08 -6.07
CA PRO A 8 -5.53 -4.80 -4.63
C PRO A 8 -4.10 -5.05 -4.12
N CYS A 9 -3.87 -4.75 -2.86
CA CYS A 9 -2.55 -4.82 -2.26
C CYS A 9 -2.55 -5.75 -1.04
N ILE A 10 -1.44 -5.75 -0.31
CA ILE A 10 -1.34 -6.49 0.95
C ILE A 10 -2.20 -5.83 2.03
N SER A 11 -2.55 -6.60 3.04
CA SER A 11 -3.44 -6.12 4.10
C SER A 11 -2.67 -5.55 5.28
N ASP A 12 -3.41 -4.97 6.23
CA ASP A 12 -2.84 -4.33 7.43
C ASP A 12 -1.86 -5.26 8.14
N LYS A 13 -2.10 -6.56 8.02
CA LYS A 13 -1.23 -7.59 8.60
C LYS A 13 0.23 -7.33 8.24
N GLU A 14 0.47 -6.87 7.02
CA GLU A 14 1.81 -6.60 6.54
C GLU A 14 2.10 -5.09 6.51
N CYS A 15 1.16 -4.33 5.97
CA CYS A 15 1.31 -2.89 5.84
C CYS A 15 0.59 -2.19 6.99
N SER A 16 1.30 -2.05 8.10
CA SER A 16 0.75 -1.42 9.29
C SER A 16 1.72 -0.37 9.85
N ILE A 17 1.36 0.19 11.01
CA ILE A 17 2.11 1.28 11.62
C ILE A 17 3.53 0.85 12.04
N VAL A 18 4.46 1.82 11.99
CA VAL A 18 5.84 1.69 12.48
C VAL A 18 6.63 0.54 11.82
N LYS A 19 6.06 -0.06 10.77
CA LYS A 19 6.77 -1.10 10.02
C LYS A 19 7.70 -0.47 8.99
N ASN A 20 8.62 -1.28 8.47
CA ASN A 20 9.69 -0.80 7.60
C ASN A 20 9.16 0.11 6.49
N TYR A 21 8.27 -0.42 5.66
CA TYR A 21 7.77 0.32 4.52
C TYR A 21 6.60 1.22 4.92
N ARG A 22 6.70 2.49 4.54
CA ARG A 22 5.72 3.50 4.91
C ARG A 22 4.50 3.43 3.98
N ALA A 23 3.49 2.68 4.40
CA ALA A 23 2.27 2.52 3.61
C ALA A 23 1.06 2.31 4.52
N ARG A 24 -0.09 2.81 4.07
CA ARG A 24 -1.34 2.61 4.78
C ARG A 24 -2.35 1.93 3.87
N CYS A 25 -2.73 0.71 4.23
CA CYS A 25 -3.67 -0.07 3.45
C CYS A 25 -5.05 -0.04 4.09
N ARG A 26 -6.08 -0.05 3.26
CA ARG A 26 -7.46 -0.02 3.72
C ARG A 26 -8.32 -0.85 2.77
N LYS A 27 -9.08 -1.80 3.34
CA LYS A 27 -9.98 -2.65 2.56
C LYS A 27 -9.26 -3.29 1.38
N GLY A 28 -7.97 -3.58 1.57
CA GLY A 28 -7.18 -4.27 0.57
C GLY A 28 -6.32 -3.34 -0.27
N TYR A 29 -6.72 -2.08 -0.41
CA TYR A 29 -5.99 -1.14 -1.26
C TYR A 29 -4.88 -0.44 -0.47
N CYS A 30 -3.72 -0.26 -1.09
CA CYS A 30 -2.57 0.35 -0.41
C CYS A 30 -2.33 1.78 -0.92
N VAL A 31 -2.24 2.72 0.02
CA VAL A 31 -1.91 4.10 -0.28
C VAL A 31 -0.55 4.43 0.34
N ARG A 32 0.41 4.83 -0.49
CA ARG A 32 1.76 5.15 -0.03
C ARG A 32 2.07 6.61 -0.30
N ARG A 33 2.25 7.39 0.76
CA ARG A 33 2.61 8.80 0.65
C ARG A 33 3.93 9.05 1.38
N ARG A 34 5.04 8.87 0.66
CA ARG A 34 6.38 9.06 1.22
C ARG A 34 6.78 10.53 1.16
N ILE A 35 5.92 11.33 0.54
CA ILE A 35 6.19 12.74 0.31
C ILE A 35 5.92 13.55 1.58
N ARG A 36 6.78 13.33 2.56
CA ARG A 36 6.79 14.10 3.79
C ARG A 36 7.99 15.03 3.80
N ALA A 1 -13.77 -1.23 -25.62
CA ALA A 1 -12.54 -0.93 -24.83
C ALA A 1 -11.88 -2.23 -24.40
N PHE A 2 -10.69 -2.11 -23.81
CA PHE A 2 -9.96 -3.27 -23.30
C PHE A 2 -9.93 -3.17 -21.79
N ILE A 3 -10.97 -3.69 -21.15
CA ILE A 3 -11.16 -3.51 -19.72
C ILE A 3 -10.96 -4.81 -18.95
N GLN A 4 -10.15 -4.74 -17.89
CA GLN A 4 -9.99 -5.83 -16.94
C GLN A 4 -9.70 -5.24 -15.56
N LEU A 5 -10.25 -5.88 -14.53
CA LEU A 5 -10.22 -5.35 -13.17
C LEU A 5 -8.79 -5.23 -12.64
N SER A 6 -8.56 -4.16 -11.88
CA SER A 6 -7.27 -3.93 -11.23
C SER A 6 -7.14 -4.83 -10.00
N LYS A 7 -5.91 -5.17 -9.63
CA LYS A 7 -5.65 -6.13 -8.57
C LYS A 7 -5.43 -5.44 -7.22
N PRO A 8 -5.82 -6.11 -6.11
CA PRO A 8 -5.70 -5.56 -4.75
C PRO A 8 -4.25 -5.43 -4.28
N CYS A 9 -4.07 -5.11 -3.01
CA CYS A 9 -2.77 -4.89 -2.42
C CYS A 9 -2.50 -5.87 -1.28
N ILE A 10 -1.39 -5.65 -0.56
CA ILE A 10 -1.00 -6.48 0.58
C ILE A 10 -2.01 -6.36 1.72
N SER A 11 -1.79 -7.12 2.79
CA SER A 11 -2.69 -7.14 3.93
C SER A 11 -2.22 -6.21 5.04
N ASP A 12 -3.15 -5.88 5.94
CA ASP A 12 -2.89 -5.00 7.08
C ASP A 12 -1.74 -5.52 7.92
N LYS A 13 -1.59 -6.85 7.95
CA LYS A 13 -0.52 -7.49 8.70
C LYS A 13 0.84 -7.01 8.19
N GLU A 14 0.92 -6.78 6.88
CA GLU A 14 2.15 -6.35 6.25
C GLU A 14 2.29 -4.84 6.36
N CYS A 15 1.22 -4.12 6.04
CA CYS A 15 1.21 -2.66 6.12
C CYS A 15 0.77 -2.24 7.52
N SER A 16 1.38 -2.83 8.53
CA SER A 16 1.01 -2.61 9.93
C SER A 16 1.77 -1.41 10.51
N ILE A 17 1.66 -1.23 11.82
CA ILE A 17 2.28 -0.11 12.53
C ILE A 17 3.78 -0.03 12.25
N VAL A 18 4.20 1.14 11.75
CA VAL A 18 5.60 1.48 11.44
C VAL A 18 6.45 0.27 10.99
N LYS A 19 6.47 0.06 9.69
CA LYS A 19 7.35 -0.93 9.08
C LYS A 19 8.55 -0.22 8.44
N ASN A 20 9.36 -0.97 7.71
CA ASN A 20 10.50 -0.38 6.99
C ASN A 20 10.00 0.46 5.82
N TYR A 21 8.71 0.34 5.54
CA TYR A 21 8.05 1.12 4.49
C TYR A 21 6.77 1.73 5.03
N ARG A 22 6.50 2.98 4.67
CA ARG A 22 5.30 3.67 5.12
C ARG A 22 4.13 3.37 4.19
N ALA A 23 3.27 2.43 4.60
CA ALA A 23 2.14 2.01 3.80
C ALA A 23 0.95 1.67 4.68
N ARG A 24 -0.25 2.06 4.25
CA ARG A 24 -1.48 1.74 4.96
C ARG A 24 -2.50 1.17 3.97
N CYS A 25 -2.98 -0.04 4.24
CA CYS A 25 -3.96 -0.70 3.39
C CYS A 25 -5.38 -0.31 3.82
N ARG A 26 -6.29 -0.22 2.84
CA ARG A 26 -7.67 0.14 3.10
C ARG A 26 -8.61 -0.74 2.27
N LYS A 27 -9.18 -1.75 2.93
CA LYS A 27 -10.16 -2.64 2.29
C LYS A 27 -9.61 -3.26 1.00
N GLY A 28 -8.34 -3.64 1.05
CA GLY A 28 -7.70 -4.27 -0.09
C GLY A 28 -6.84 -3.32 -0.90
N TYR A 29 -7.14 -2.03 -0.78
CA TYR A 29 -6.35 -0.99 -1.45
C TYR A 29 -5.09 -0.69 -0.61
N CYS A 30 -4.12 0.00 -1.20
CA CYS A 30 -2.90 0.38 -0.48
C CYS A 30 -2.53 1.83 -0.79
N VAL A 31 -2.43 2.63 0.26
CA VAL A 31 -2.01 4.02 0.14
C VAL A 31 -0.63 4.21 0.74
N ARG A 32 0.33 4.63 -0.07
CA ARG A 32 1.69 4.90 0.37
C ARG A 32 1.99 6.38 0.21
N ARG A 33 2.10 7.09 1.34
CA ARG A 33 2.23 8.54 1.33
C ARG A 33 3.66 8.96 1.65
N ARG A 34 4.49 9.04 0.62
CA ARG A 34 5.84 9.60 0.73
C ARG A 34 5.82 11.05 0.27
N ILE A 35 4.66 11.48 -0.23
CA ILE A 35 4.46 12.83 -0.75
C ILE A 35 4.21 13.79 0.39
N ARG A 36 5.20 13.96 1.24
CA ARG A 36 5.12 14.87 2.38
C ARG A 36 6.31 15.83 2.36
N ALA A 1 -9.59 4.67 -25.31
CA ALA A 1 -9.24 3.41 -24.61
C ALA A 1 -8.08 3.65 -23.63
N PHE A 2 -8.38 3.54 -22.35
CA PHE A 2 -7.37 3.68 -21.29
C PHE A 2 -7.39 2.43 -20.41
N ILE A 3 -6.62 1.44 -20.80
CA ILE A 3 -6.54 0.20 -20.06
C ILE A 3 -5.30 0.20 -19.17
N GLN A 4 -5.44 0.77 -17.98
CA GLN A 4 -4.36 0.80 -17.01
C GLN A 4 -4.69 -0.10 -15.83
N LEU A 5 -4.13 -1.30 -15.84
CA LEU A 5 -4.39 -2.28 -14.80
C LEU A 5 -3.32 -2.22 -13.72
N SER A 6 -3.63 -1.48 -12.66
CA SER A 6 -2.74 -1.36 -11.51
C SER A 6 -2.99 -2.53 -10.55
N LYS A 7 -2.44 -2.44 -9.34
CA LYS A 7 -2.61 -3.50 -8.36
C LYS A 7 -2.69 -2.92 -6.94
N PRO A 8 -3.45 -3.58 -6.04
CA PRO A 8 -3.43 -3.26 -4.61
C PRO A 8 -2.09 -3.63 -3.99
N CYS A 9 -1.97 -3.47 -2.68
CA CYS A 9 -0.73 -3.79 -1.97
C CYS A 9 -0.95 -4.97 -1.03
N ILE A 10 0.15 -5.46 -0.46
CA ILE A 10 0.13 -6.62 0.42
C ILE A 10 -0.69 -6.33 1.70
N SER A 11 -1.00 -7.36 2.46
CA SER A 11 -1.85 -7.24 3.65
C SER A 11 -1.32 -6.20 4.66
N ASP A 12 -2.25 -5.68 5.46
CA ASP A 12 -2.01 -4.55 6.36
C ASP A 12 -0.81 -4.78 7.29
N LYS A 13 -0.77 -5.95 7.90
CA LYS A 13 0.28 -6.28 8.87
C LYS A 13 1.65 -6.33 8.19
N GLU A 14 1.64 -6.56 6.88
CA GLU A 14 2.88 -6.68 6.12
C GLU A 14 3.32 -5.32 5.61
N CYS A 15 2.35 -4.47 5.32
CA CYS A 15 2.62 -3.09 4.93
C CYS A 15 3.08 -2.27 6.14
N SER A 16 2.80 -2.79 7.33
CA SER A 16 3.17 -2.11 8.56
C SER A 16 4.68 -2.25 8.81
N ILE A 17 5.46 -1.40 8.14
CA ILE A 17 6.89 -1.30 8.36
C ILE A 17 7.17 -0.17 9.36
N VAL A 18 8.04 -0.44 10.33
CA VAL A 18 8.35 0.52 11.39
C VAL A 18 9.72 1.17 11.19
N LYS A 19 9.79 2.11 10.25
CA LYS A 19 11.02 2.85 9.96
C LYS A 19 10.69 4.28 9.50
N ASN A 20 9.95 5.01 10.34
CA ASN A 20 9.62 6.42 10.12
C ASN A 20 8.56 6.58 9.03
N TYR A 21 8.90 6.22 7.80
CA TYR A 21 7.96 6.34 6.68
C TYR A 21 6.74 5.46 6.92
N ARG A 22 5.56 5.98 6.62
CA ARG A 22 4.32 5.29 6.92
C ARG A 22 3.58 4.88 5.65
N ALA A 23 3.78 3.63 5.26
CA ALA A 23 2.94 3.00 4.25
C ALA A 23 1.86 2.21 4.97
N ARG A 24 0.60 2.48 4.69
CA ARG A 24 -0.50 1.82 5.39
C ARG A 24 -1.52 1.32 4.38
N CYS A 25 -1.70 0.01 4.33
CA CYS A 25 -2.66 -0.61 3.43
C CYS A 25 -4.01 -0.80 4.12
N ARG A 26 -5.01 -0.06 3.63
CA ARG A 26 -6.38 -0.17 4.13
C ARG A 26 -7.28 -0.76 3.04
N LYS A 27 -7.91 -1.89 3.37
CA LYS A 27 -8.84 -2.56 2.45
C LYS A 27 -8.16 -2.88 1.12
N GLY A 28 -6.86 -3.17 1.18
CA GLY A 28 -6.09 -3.51 0.00
C GLY A 28 -5.43 -2.29 -0.64
N TYR A 29 -5.99 -1.11 -0.38
CA TYR A 29 -5.46 0.12 -0.96
C TYR A 29 -4.40 0.72 -0.04
N CYS A 30 -3.24 1.02 -0.61
CA CYS A 30 -2.08 1.43 0.17
C CYS A 30 -1.81 2.93 0.01
N VAL A 31 -1.65 3.61 1.15
CA VAL A 31 -1.30 5.03 1.15
C VAL A 31 0.14 5.22 1.63
N ARG A 32 0.85 6.15 1.01
CA ARG A 32 2.23 6.44 1.38
C ARG A 32 2.34 7.86 1.96
N ARG A 33 2.60 7.92 3.26
CA ARG A 33 2.67 9.19 3.98
C ARG A 33 4.12 9.67 4.08
N ARG A 34 4.34 10.96 3.84
CA ARG A 34 5.68 11.55 3.88
C ARG A 34 5.62 13.07 4.12
N ILE A 35 4.95 13.79 3.23
CA ILE A 35 4.72 15.22 3.40
C ILE A 35 3.54 15.41 4.35
N ARG A 36 2.61 14.48 4.26
CA ARG A 36 1.49 14.36 5.18
C ARG A 36 1.23 12.88 5.39
N ALA A 1 -8.64 -9.16 -25.59
CA ALA A 1 -9.05 -7.93 -24.87
C ALA A 1 -7.81 -7.19 -24.36
N PHE A 2 -7.97 -5.90 -24.09
CA PHE A 2 -6.86 -5.06 -23.66
C PHE A 2 -6.78 -5.12 -22.14
N ILE A 3 -6.56 -6.33 -21.63
CA ILE A 3 -6.59 -6.57 -20.20
C ILE A 3 -5.36 -5.99 -19.51
N GLN A 4 -5.59 -5.41 -18.34
CA GLN A 4 -4.50 -4.83 -17.54
C GLN A 4 -4.50 -5.44 -16.15
N LEU A 5 -3.33 -5.93 -15.72
CA LEU A 5 -3.17 -6.49 -14.39
C LEU A 5 -2.62 -5.42 -13.45
N SER A 6 -3.50 -4.86 -12.62
CA SER A 6 -3.14 -3.79 -11.69
C SER A 6 -2.34 -4.37 -10.53
N LYS A 7 -1.53 -3.52 -9.91
CA LYS A 7 -0.72 -3.91 -8.76
C LYS A 7 -1.37 -3.40 -7.46
N PRO A 8 -2.04 -4.28 -6.70
CA PRO A 8 -2.59 -3.95 -5.40
C PRO A 8 -1.60 -4.24 -4.27
N CYS A 9 -2.09 -4.19 -3.04
CA CYS A 9 -1.28 -4.48 -1.86
C CYS A 9 -2.12 -5.14 -0.77
N ILE A 10 -1.47 -5.84 0.14
CA ILE A 10 -2.16 -6.47 1.26
C ILE A 10 -2.26 -5.47 2.41
N SER A 11 -3.10 -5.77 3.40
CA SER A 11 -3.39 -4.86 4.51
C SER A 11 -2.14 -4.40 5.25
N ASP A 12 -2.32 -3.39 6.09
CA ASP A 12 -1.23 -2.82 6.90
C ASP A 12 -0.54 -3.90 7.74
N LYS A 13 -1.32 -4.91 8.13
CA LYS A 13 -0.79 -6.05 8.89
C LYS A 13 0.34 -6.75 8.15
N GLU A 14 0.25 -6.77 6.81
CA GLU A 14 1.26 -7.41 5.97
C GLU A 14 2.35 -6.41 5.62
N CYS A 15 1.94 -5.17 5.30
CA CYS A 15 2.89 -4.13 4.92
C CYS A 15 3.88 -3.84 6.05
N SER A 16 3.42 -4.01 7.30
CA SER A 16 4.30 -3.81 8.46
C SER A 16 5.33 -4.94 8.54
N ILE A 17 6.50 -4.68 7.95
CA ILE A 17 7.59 -5.64 7.95
C ILE A 17 8.88 -4.95 8.39
N VAL A 18 9.87 -5.73 8.82
CA VAL A 18 11.13 -5.20 9.33
C VAL A 18 11.81 -4.30 8.29
N LYS A 19 12.33 -3.15 8.76
CA LYS A 19 13.00 -2.17 7.92
C LYS A 19 12.07 -1.63 6.83
N ASN A 20 10.81 -1.41 7.19
CA ASN A 20 9.84 -0.85 6.28
C ASN A 20 9.00 0.17 7.03
N TYR A 21 9.33 1.43 6.81
CA TYR A 21 8.64 2.56 7.42
C TYR A 21 7.13 2.48 7.21
N ARG A 22 6.40 3.36 7.87
CA ARG A 22 4.94 3.25 7.97
C ARG A 22 4.24 3.80 6.73
N ALA A 23 3.58 2.89 6.02
CA ALA A 23 2.74 3.22 4.87
C ALA A 23 1.35 2.66 5.14
N ARG A 24 0.31 3.37 4.69
CA ARG A 24 -1.05 2.99 5.05
C ARG A 24 -1.65 2.09 3.98
N CYS A 25 -1.67 0.78 4.27
CA CYS A 25 -2.25 -0.21 3.37
C CYS A 25 -3.61 -0.67 3.90
N ARG A 26 -4.62 -0.61 3.04
CA ARG A 26 -5.98 -0.97 3.43
C ARG A 26 -6.87 -1.09 2.19
N LYS A 27 -7.81 -2.03 2.23
CA LYS A 27 -8.79 -2.23 1.15
C LYS A 27 -8.09 -2.63 -0.15
N GLY A 28 -6.99 -3.36 -0.01
CA GLY A 28 -6.23 -3.81 -1.17
C GLY A 28 -5.35 -2.72 -1.75
N TYR A 29 -5.40 -1.53 -1.16
CA TYR A 29 -4.59 -0.40 -1.62
C TYR A 29 -3.44 -0.14 -0.66
N CYS A 30 -2.40 0.52 -1.16
CA CYS A 30 -1.25 0.89 -0.34
C CYS A 30 -0.83 2.32 -0.63
N VAL A 31 -0.90 3.18 0.39
CA VAL A 31 -0.59 4.59 0.23
C VAL A 31 0.69 4.95 0.99
N ARG A 32 1.66 5.49 0.27
CA ARG A 32 2.91 5.95 0.87
C ARG A 32 2.79 7.43 1.18
N ARG A 33 2.91 7.78 2.45
CA ARG A 33 2.74 9.15 2.90
C ARG A 33 3.73 10.08 2.21
N ARG A 34 3.24 11.20 1.73
CA ARG A 34 4.05 12.16 0.98
C ARG A 34 4.72 13.15 1.95
N ILE A 35 5.87 13.67 1.54
CA ILE A 35 6.66 14.58 2.36
C ILE A 35 5.84 15.78 2.83
N ARG A 36 4.95 16.26 1.96
CA ARG A 36 4.10 17.42 2.24
C ARG A 36 2.72 17.19 1.63
N ALA A 1 -5.27 -2.91 -28.97
CA ALA A 1 -4.95 -2.24 -27.69
C ALA A 1 -4.19 -3.18 -26.76
N PHE A 2 -3.26 -2.63 -25.99
CA PHE A 2 -2.48 -3.41 -25.03
C PHE A 2 -2.38 -2.66 -23.71
N ILE A 3 -3.50 -2.64 -22.98
CA ILE A 3 -3.57 -1.94 -21.71
C ILE A 3 -2.86 -2.73 -20.62
N GLN A 4 -2.43 -2.03 -19.58
CA GLN A 4 -1.74 -2.65 -18.46
C GLN A 4 -2.61 -2.60 -17.21
N LEU A 5 -2.73 -3.74 -16.53
CA LEU A 5 -3.61 -3.84 -15.37
C LEU A 5 -2.91 -3.31 -14.11
N SER A 6 -3.68 -2.66 -13.25
CA SER A 6 -3.21 -2.20 -11.96
C SER A 6 -3.91 -2.97 -10.86
N LYS A 7 -3.19 -3.34 -9.81
CA LYS A 7 -3.73 -4.16 -8.73
C LYS A 7 -3.32 -3.59 -7.38
N PRO A 8 -4.06 -3.93 -6.30
CA PRO A 8 -3.72 -3.49 -4.95
C PRO A 8 -2.49 -4.23 -4.40
N CYS A 9 -2.24 -4.08 -3.11
CA CYS A 9 -1.10 -4.72 -2.45
C CYS A 9 -1.59 -5.76 -1.44
N ILE A 10 -0.66 -6.29 -0.66
CA ILE A 10 -0.98 -7.27 0.38
C ILE A 10 -1.61 -6.60 1.61
N SER A 11 -1.95 -7.42 2.61
CA SER A 11 -2.62 -6.95 3.81
C SER A 11 -1.67 -6.16 4.72
N ASP A 12 -2.25 -5.33 5.59
CA ASP A 12 -1.48 -4.45 6.47
C ASP A 12 -0.48 -5.25 7.32
N LYS A 13 -0.90 -6.42 7.75
CA LYS A 13 -0.05 -7.31 8.55
C LYS A 13 1.19 -7.70 7.75
N GLU A 14 1.05 -7.74 6.43
CA GLU A 14 2.16 -8.06 5.54
C GLU A 14 2.90 -6.77 5.15
N CYS A 15 2.20 -5.64 5.26
CA CYS A 15 2.79 -4.32 4.97
C CYS A 15 3.79 -3.89 6.07
N SER A 16 4.15 -4.82 6.95
CA SER A 16 5.09 -4.54 8.03
C SER A 16 6.49 -4.32 7.45
N ILE A 17 6.74 -3.11 6.97
CA ILE A 17 8.04 -2.72 6.43
C ILE A 17 8.89 -2.11 7.55
N VAL A 18 10.01 -2.77 7.87
CA VAL A 18 10.89 -2.31 8.93
C VAL A 18 11.83 -1.21 8.40
N LYS A 19 11.26 -0.03 8.18
CA LYS A 19 11.99 1.14 7.73
C LYS A 19 11.46 2.39 8.42
N ASN A 20 12.04 3.54 8.12
CA ASN A 20 11.58 4.80 8.66
C ASN A 20 10.32 5.26 7.93
N TYR A 21 10.19 4.79 6.69
CA TYR A 21 9.00 5.08 5.89
C TYR A 21 7.83 4.22 6.36
N ARG A 22 6.65 4.82 6.44
CA ARG A 22 5.46 4.13 6.91
C ARG A 22 4.32 4.30 5.91
N ALA A 23 3.65 3.20 5.58
CA ALA A 23 2.55 3.21 4.62
C ALA A 23 1.23 2.84 5.30
N ARG A 24 0.14 2.97 4.55
CA ARG A 24 -1.19 2.64 5.06
C ARG A 24 -1.83 1.59 4.15
N CYS A 25 -2.31 0.50 4.72
CA CYS A 25 -2.93 -0.56 3.93
C CYS A 25 -4.34 -0.86 4.47
N ARG A 26 -5.30 -0.96 3.56
CA ARG A 26 -6.68 -1.25 3.90
C ARG A 26 -7.41 -1.83 2.70
N LYS A 27 -8.16 -2.92 2.92
CA LYS A 27 -8.84 -3.62 1.82
C LYS A 27 -7.84 -3.99 0.72
N GLY A 28 -6.61 -4.28 1.14
CA GLY A 28 -5.54 -4.59 0.21
C GLY A 28 -4.97 -3.36 -0.47
N TYR A 29 -5.71 -2.26 -0.45
CA TYR A 29 -5.27 -1.02 -1.08
C TYR A 29 -4.07 -0.44 -0.32
N CYS A 30 -3.06 -0.03 -1.06
CA CYS A 30 -1.82 0.48 -0.48
C CYS A 30 -1.67 1.97 -0.74
N VAL A 31 -1.62 2.75 0.34
CA VAL A 31 -1.44 4.19 0.28
C VAL A 31 -0.08 4.56 0.90
N ARG A 32 0.62 5.52 0.29
CA ARG A 32 1.94 5.92 0.75
C ARG A 32 2.10 7.42 0.65
N ARG A 33 2.85 8.01 1.58
CA ARG A 33 3.22 9.42 1.49
C ARG A 33 4.32 9.56 0.43
N ARG A 34 3.91 9.80 -0.81
CA ARG A 34 4.81 9.76 -1.93
C ARG A 34 5.23 11.15 -2.39
N ILE A 35 6.48 11.26 -2.83
CA ILE A 35 6.96 12.39 -3.58
C ILE A 35 6.92 12.03 -5.07
N ARG A 36 6.88 10.72 -5.33
CA ARG A 36 6.84 10.17 -6.68
C ARG A 36 5.58 9.33 -6.85
N ALA A 1 3.84 14.19 -19.27
CA ALA A 1 3.26 12.92 -18.77
C ALA A 1 3.72 12.65 -17.34
N PHE A 2 2.86 12.00 -16.56
CA PHE A 2 3.17 11.67 -15.17
C PHE A 2 2.88 10.19 -14.91
N ILE A 3 3.93 9.39 -14.82
CA ILE A 3 3.77 7.97 -14.54
C ILE A 3 3.47 7.75 -13.06
N GLN A 4 2.17 7.74 -12.73
CA GLN A 4 1.74 7.51 -11.35
C GLN A 4 1.98 6.05 -10.96
N LEU A 5 3.18 5.78 -10.49
CA LEU A 5 3.58 4.42 -10.10
C LEU A 5 2.92 4.05 -8.77
N SER A 6 2.08 3.02 -8.81
CA SER A 6 1.46 2.46 -7.62
C SER A 6 1.20 0.98 -7.82
N LYS A 7 1.58 0.19 -6.84
CA LYS A 7 1.48 -1.27 -6.92
C LYS A 7 0.55 -1.80 -5.82
N PRO A 8 -0.51 -2.54 -6.17
CA PRO A 8 -1.47 -3.09 -5.20
C PRO A 8 -0.78 -3.93 -4.13
N CYS A 9 -1.03 -3.60 -2.86
CA CYS A 9 -0.37 -4.28 -1.75
C CYS A 9 -1.40 -4.91 -0.80
N ILE A 10 -0.91 -5.72 0.14
CA ILE A 10 -1.76 -6.48 1.05
C ILE A 10 -2.11 -5.62 2.28
N SER A 11 -2.93 -6.16 3.19
CA SER A 11 -3.41 -5.44 4.37
C SER A 11 -2.26 -4.87 5.22
N ASP A 12 -2.59 -3.90 6.09
CA ASP A 12 -1.60 -3.16 6.87
C ASP A 12 -0.67 -4.06 7.68
N LYS A 13 -1.20 -5.17 8.19
CA LYS A 13 -0.38 -6.11 8.98
C LYS A 13 0.77 -6.67 8.15
N GLU A 14 0.62 -6.64 6.83
CA GLU A 14 1.69 -7.04 5.92
C GLU A 14 2.49 -5.80 5.52
N CYS A 15 1.75 -4.71 5.30
CA CYS A 15 2.33 -3.42 4.87
C CYS A 15 3.46 -3.00 5.80
N SER A 16 3.17 -2.95 7.10
CA SER A 16 4.16 -2.56 8.09
C SER A 16 4.38 -3.68 9.09
N ILE A 17 5.32 -4.57 8.78
CA ILE A 17 5.75 -5.61 9.71
C ILE A 17 7.25 -5.50 9.96
N VAL A 18 8.01 -5.25 8.89
CA VAL A 18 9.45 -5.06 9.00
C VAL A 18 9.78 -3.66 9.49
N LYS A 19 9.02 -2.68 9.00
CA LYS A 19 9.20 -1.28 9.37
C LYS A 19 7.84 -0.64 9.65
N ASN A 20 7.52 -0.47 10.92
CA ASN A 20 6.24 0.10 11.34
C ASN A 20 6.41 1.54 11.80
N TYR A 21 6.49 2.45 10.84
CA TYR A 21 6.57 3.88 11.11
C TYR A 21 5.30 4.58 10.61
N ARG A 22 5.14 4.63 9.29
CA ARG A 22 3.94 5.20 8.66
C ARG A 22 3.69 4.51 7.31
N ALA A 23 3.00 3.38 7.36
CA ALA A 23 2.67 2.62 6.17
C ALA A 23 1.26 2.04 6.31
N ARG A 24 0.37 2.44 5.41
CA ARG A 24 -1.02 2.01 5.45
C ARG A 24 -1.43 1.38 4.13
N CYS A 25 -1.46 0.06 4.10
CA CYS A 25 -1.91 -0.70 2.94
C CYS A 25 -3.20 -1.43 3.31
N ARG A 26 -4.13 -1.53 2.37
CA ARG A 26 -5.46 -2.06 2.68
C ARG A 26 -6.28 -2.29 1.42
N LYS A 27 -6.79 -3.52 1.27
CA LYS A 27 -7.66 -3.90 0.14
C LYS A 27 -6.99 -3.63 -1.20
N GLY A 28 -5.68 -3.81 -1.25
CA GLY A 28 -4.93 -3.59 -2.48
C GLY A 28 -4.37 -2.19 -2.57
N TYR A 29 -4.99 -1.25 -1.87
CA TYR A 29 -4.56 0.14 -1.91
C TYR A 29 -3.31 0.31 -1.06
N CYS A 30 -2.49 1.30 -1.40
CA CYS A 30 -1.21 1.51 -0.75
C CYS A 30 -1.00 2.98 -0.40
N VAL A 31 -0.63 3.24 0.85
CA VAL A 31 -0.27 4.58 1.29
C VAL A 31 1.04 4.51 2.09
N ARG A 32 2.08 5.12 1.55
CA ARG A 32 3.39 5.16 2.20
C ARG A 32 3.99 6.54 1.94
N ARG A 33 4.14 7.33 2.99
CA ARG A 33 4.51 8.74 2.84
C ARG A 33 5.61 9.12 3.82
N ARG A 34 5.84 10.43 3.92
CA ARG A 34 6.89 11.00 4.76
C ARG A 34 6.28 11.61 6.03
N ILE A 35 7.08 12.40 6.74
CA ILE A 35 6.66 13.06 7.97
C ILE A 35 5.36 13.88 7.78
N ARG A 36 5.09 14.27 6.55
CA ARG A 36 3.88 15.03 6.23
C ARG A 36 2.76 14.08 5.82
N ALA A 1 -14.03 -7.03 -24.18
CA ALA A 1 -13.85 -5.79 -23.38
C ALA A 1 -12.38 -5.67 -22.94
N PHE A 2 -11.98 -4.47 -22.53
CA PHE A 2 -10.58 -4.18 -22.19
C PHE A 2 -10.42 -3.98 -20.68
N ILE A 3 -11.33 -4.53 -19.90
CA ILE A 3 -11.26 -4.43 -18.45
C ILE A 3 -10.14 -5.32 -17.92
N GLN A 4 -9.06 -4.69 -17.46
CA GLN A 4 -7.94 -5.41 -16.88
C GLN A 4 -8.16 -5.59 -15.38
N LEU A 5 -7.45 -6.54 -14.78
CA LEU A 5 -7.59 -6.82 -13.36
C LEU A 5 -6.88 -5.75 -12.53
N SER A 6 -7.65 -5.04 -11.72
CA SER A 6 -7.12 -3.99 -10.85
C SER A 6 -6.05 -4.56 -9.91
N LYS A 7 -5.07 -3.72 -9.58
CA LYS A 7 -3.99 -4.12 -8.69
C LYS A 7 -3.99 -3.28 -7.41
N PRO A 8 -4.61 -3.79 -6.33
CA PRO A 8 -4.49 -3.21 -5.00
C PRO A 8 -3.18 -3.64 -4.34
N CYS A 9 -3.08 -3.43 -3.05
CA CYS A 9 -1.91 -3.82 -2.29
C CYS A 9 -2.33 -4.91 -1.30
N ILE A 10 -1.41 -5.38 -0.48
CA ILE A 10 -1.71 -6.46 0.44
C ILE A 10 -2.00 -5.93 1.83
N SER A 11 -2.66 -6.74 2.64
CA SER A 11 -3.17 -6.32 3.94
C SER A 11 -2.08 -5.74 4.87
N ASP A 12 -2.53 -4.90 5.81
CA ASP A 12 -1.64 -4.24 6.77
C ASP A 12 -0.77 -5.25 7.52
N LYS A 13 -1.36 -6.38 7.89
CA LYS A 13 -0.63 -7.45 8.57
C LYS A 13 0.59 -7.88 7.75
N GLU A 14 0.43 -7.84 6.43
CA GLU A 14 1.47 -8.29 5.51
C GLU A 14 2.32 -7.09 5.06
N CYS A 15 1.81 -5.89 5.33
CA CYS A 15 2.59 -4.68 5.10
C CYS A 15 3.72 -4.57 6.13
N SER A 16 3.37 -4.70 7.40
CA SER A 16 4.34 -4.56 8.49
C SER A 16 4.76 -5.92 9.05
N ILE A 17 5.84 -6.48 8.50
CA ILE A 17 6.36 -7.75 8.98
C ILE A 17 7.39 -7.50 10.07
N VAL A 18 6.90 -7.04 11.24
CA VAL A 18 7.71 -6.66 12.38
C VAL A 18 8.97 -5.88 11.98
N LYS A 19 8.90 -5.23 10.83
CA LYS A 19 10.04 -4.51 10.25
C LYS A 19 9.92 -3.02 10.57
N ASN A 20 11.07 -2.33 10.63
CA ASN A 20 11.10 -0.90 10.92
C ASN A 20 10.71 -0.09 9.67
N TYR A 21 9.46 -0.23 9.27
CA TYR A 21 8.88 0.55 8.19
C TYR A 21 7.40 0.78 8.48
N ARG A 22 6.85 1.88 7.98
CA ARG A 22 5.46 2.23 8.26
C ARG A 22 4.78 2.83 7.04
N ALA A 23 3.61 2.28 6.73
CA ALA A 23 2.76 2.76 5.65
C ALA A 23 1.31 2.50 6.03
N ARG A 24 0.38 3.27 5.47
CA ARG A 24 -1.02 3.13 5.83
C ARG A 24 -1.74 2.22 4.84
N CYS A 25 -1.96 0.98 5.25
CA CYS A 25 -2.68 0.01 4.43
C CYS A 25 -4.12 -0.13 4.95
N ARG A 26 -5.08 0.29 4.15
CA ARG A 26 -6.49 0.25 4.53
C ARG A 26 -7.33 -0.30 3.38
N LYS A 27 -8.12 -1.35 3.69
CA LYS A 27 -8.92 -2.07 2.68
C LYS A 27 -8.03 -2.59 1.56
N GLY A 28 -6.79 -2.94 1.90
CA GLY A 28 -5.87 -3.49 0.93
C GLY A 28 -5.24 -2.43 0.05
N TYR A 29 -5.58 -1.17 0.27
CA TYR A 29 -4.94 -0.08 -0.46
C TYR A 29 -3.78 0.45 0.40
N CYS A 30 -2.58 0.54 -0.17
CA CYS A 30 -1.41 0.98 0.59
C CYS A 30 -0.97 2.38 0.16
N VAL A 31 -0.79 3.26 1.14
CA VAL A 31 -0.26 4.60 0.91
C VAL A 31 0.81 4.91 1.97
N ARG A 32 2.03 5.18 1.52
CA ARG A 32 3.13 5.47 2.44
C ARG A 32 3.06 6.92 2.89
N ARG A 33 2.73 7.14 4.15
CA ARG A 33 2.68 8.48 4.73
C ARG A 33 3.66 8.53 5.89
N ARG A 34 4.90 8.89 5.59
CA ARG A 34 5.91 9.05 6.63
C ARG A 34 5.75 10.42 7.27
N ILE A 35 6.20 10.55 8.52
CA ILE A 35 6.03 11.79 9.28
C ILE A 35 6.51 13.00 8.49
N ARG A 36 7.75 12.92 8.00
CA ARG A 36 8.33 13.98 7.20
C ARG A 36 8.93 13.39 5.92
#